data_3OF6
#
_entry.id   3OF6
#
_cell.length_a   114.902
_cell.length_b   114.902
_cell.length_c   183.101
_cell.angle_alpha   90.00
_cell.angle_beta   90.00
_cell.angle_gamma   120.00
#
_symmetry.space_group_name_H-M   'P 32 2 1'
#
loop_
_entity.id
_entity.type
_entity.pdbx_description
1 polymer 'T cell receptor beta chain'
2 polymer 'Pre T-cell antigen receptor alpha'
3 non-polymer 2-acetamido-2-deoxy-beta-D-glucopyranose
4 water water
#
loop_
_entity_poly.entity_id
_entity_poly.type
_entity_poly.pdbx_seq_one_letter_code
_entity_poly.pdbx_strand_id
1 'polypeptide(L)'
;AGSHMGVSQSPRYKVAKRGQDVALRCDPISGHVSLFWYQQALGQGPEFLTYFQNEAQLDKSGLPSDRFFAERPEGSVSTL
KIQRTQQEDSAVYLCASSLGQAYEQYFGPGTRLTVTEDLKNVFPPEVAVFEPSEAEISHTQKATLVCLATGFYPDHVELS
WWVNGKEVHSGVSTDPQPLKEQPALNDSRYCLSSRLRVSATFWQNPRNHFRCQVQFYGLSENDEWTQDRAKPVTQIVSAE
AWGRADCTSGDDDDK
;
A,B,C
2 'polypeptide(L)'
;GAHMLPTGVGGTPFPSLAPPIMLLVDGKQQMVVVCLVLDVAPPGLDSPIWFSAGNGSALDAFTYGPSPATDGTWTNLAHL
SLPSEELASWEPLVCHTGPGAEGHSRSTQPMHLSGEASTARTCSGDDDDK
;
D,E,F
#
loop_
_chem_comp.id
_chem_comp.type
_chem_comp.name
_chem_comp.formula
NAG D-saccharide, beta linking 2-acetamido-2-deoxy-beta-D-glucopyranose 'C8 H15 N O6'
#
# COMPACT_ATOMS: atom_id res chain seq x y z
N MET A 5 -13.57 13.42 23.93
CA MET A 5 -14.31 14.55 24.46
C MET A 5 -15.05 14.18 25.74
N GLY A 6 -14.87 14.98 26.78
CA GLY A 6 -14.02 16.16 26.71
C GLY A 6 -12.61 15.89 27.20
N VAL A 7 -12.26 16.49 28.34
CA VAL A 7 -10.94 16.31 28.93
C VAL A 7 -10.87 15.02 29.72
N SER A 8 -9.93 14.15 29.36
CA SER A 8 -9.74 12.88 30.06
C SER A 8 -8.32 12.77 30.62
N GLN A 9 -8.20 12.14 31.78
CA GLN A 9 -6.90 11.96 32.41
C GLN A 9 -6.64 10.50 32.75
N SER A 10 -5.38 10.13 32.90
CA SER A 10 -5.00 8.75 33.20
C SER A 10 -3.65 8.70 33.90
N PRO A 11 -3.56 7.91 34.97
CA PRO A 11 -4.69 7.16 35.54
C PRO A 11 -5.56 8.04 36.42
N ARG A 12 -6.76 7.56 36.75
CA ARG A 12 -7.64 8.29 37.66
C ARG A 12 -7.23 8.03 39.11
N TYR A 13 -6.74 6.82 39.36
CA TYR A 13 -6.30 6.45 40.70
C TYR A 13 -4.95 5.74 40.62
N LYS A 14 -3.97 6.27 41.35
CA LYS A 14 -2.62 5.70 41.33
C LYS A 14 -2.00 5.68 42.73
N VAL A 15 -1.68 4.48 43.20
CA VAL A 15 -1.00 4.31 44.49
C VAL A 15 0.42 3.82 44.26
N ALA A 16 1.38 4.50 44.88
CA ALA A 16 2.79 4.16 44.70
C ALA A 16 3.57 4.21 46.00
N LYS A 17 4.76 3.63 45.99
CA LYS A 17 5.65 3.62 47.15
C LYS A 17 6.63 4.78 47.08
N ARG A 18 7.05 5.28 48.24
CA ARG A 18 8.00 6.39 48.29
C ARG A 18 9.33 6.03 47.64
N GLY A 19 9.82 6.93 46.80
CA GLY A 19 11.06 6.68 46.07
C GLY A 19 10.79 6.12 44.69
N GLN A 20 9.51 5.91 44.38
CA GLN A 20 9.10 5.37 43.09
C GLN A 20 8.52 6.45 42.19
N ASP A 21 9.28 6.86 41.19
CA ASP A 21 8.84 7.87 40.24
C ASP A 21 7.57 7.45 39.50
N VAL A 22 6.65 8.39 39.32
CA VAL A 22 5.39 8.10 38.64
C VAL A 22 5.20 9.02 37.44
N ALA A 23 4.14 8.78 36.68
CA ALA A 23 3.84 9.58 35.49
C ALA A 23 2.34 9.70 35.25
N LEU A 24 1.89 10.91 34.93
CA LEU A 24 0.48 11.16 34.66
C LEU A 24 0.28 11.70 33.26
N ARG A 25 -0.94 11.59 32.74
CA ARG A 25 -1.24 12.05 31.39
C ARG A 25 -2.59 12.77 31.33
N CYS A 26 -2.74 13.62 30.31
CA CYS A 26 -3.98 14.37 30.12
C CYS A 26 -4.22 14.64 28.64
N ASP A 27 -5.42 14.33 28.17
CA ASP A 27 -5.78 14.55 26.77
C ASP A 27 -6.89 15.59 26.66
N PRO A 28 -6.52 16.87 26.56
CA PRO A 28 -7.45 18.01 26.51
C PRO A 28 -8.43 17.91 25.33
N ILE A 29 -9.42 18.79 25.33
CA ILE A 29 -10.41 18.82 24.25
C ILE A 29 -9.77 19.33 22.96
N SER A 30 -10.16 18.73 21.84
CA SER A 30 -9.61 19.11 20.53
C SER A 30 -9.90 20.57 20.21
N GLY A 31 -8.85 21.29 19.81
CA GLY A 31 -9.00 22.69 19.45
C GLY A 31 -8.73 23.64 20.60
N HIS A 32 -8.20 23.11 21.70
CA HIS A 32 -7.91 23.93 22.87
C HIS A 32 -6.45 24.38 22.89
N VAL A 33 -6.25 25.69 22.87
CA VAL A 33 -4.92 26.28 22.79
C VAL A 33 -4.15 26.19 24.09
N SER A 34 -4.85 26.40 25.20
CA SER A 34 -4.21 26.41 26.52
C SER A 34 -4.36 25.10 27.27
N LEU A 35 -3.52 24.91 28.28
CA LEU A 35 -3.55 23.71 29.11
C LEU A 35 -2.99 24.04 30.49
N PHE A 36 -3.67 23.58 31.54
CA PHE A 36 -3.27 23.90 32.90
C PHE A 36 -3.08 22.65 33.76
N TRP A 37 -2.23 22.78 34.78
CA TRP A 37 -2.04 21.71 35.76
C TRP A 37 -2.23 22.27 37.17
N TYR A 38 -3.07 21.62 37.96
CA TYR A 38 -3.36 22.06 39.31
C TYR A 38 -3.12 20.97 40.36
N GLN A 39 -3.19 21.36 41.63
CA GLN A 39 -2.94 20.43 42.72
C GLN A 39 -3.85 20.71 43.91
N GLN A 40 -4.77 19.79 44.18
CA GLN A 40 -5.67 19.92 45.32
C GLN A 40 -5.23 19.02 46.47
N ALA A 41 -4.97 19.62 47.62
CA ALA A 41 -4.53 18.88 48.79
C ALA A 41 -5.09 19.46 50.08
N LEU A 42 -5.42 18.59 51.03
CA LEU A 42 -5.96 19.01 52.32
C LEU A 42 -7.27 19.78 52.18
N GLY A 43 -7.98 19.53 51.08
CA GLY A 43 -9.25 20.17 50.84
C GLY A 43 -9.12 21.57 50.29
N GLN A 44 -7.89 22.06 50.21
CA GLN A 44 -7.62 23.40 49.70
C GLN A 44 -7.93 23.51 48.21
N GLY A 45 -8.26 24.73 47.77
CA GLY A 45 -8.57 24.97 46.38
C GLY A 45 -7.41 24.60 45.47
N PRO A 46 -7.70 24.42 44.17
CA PRO A 46 -6.71 24.04 43.16
C PRO A 46 -5.51 24.98 43.14
N GLU A 47 -4.37 24.49 43.59
CA GLU A 47 -3.14 25.27 43.60
C GLU A 47 -2.42 25.16 42.26
N PHE A 48 -2.26 26.29 41.59
CA PHE A 48 -1.61 26.32 40.27
C PHE A 48 -0.26 25.61 40.30
N LEU A 49 0.11 25.04 39.15
CA LEU A 49 1.39 24.34 39.02
C LEU A 49 2.17 24.87 37.82
N THR A 50 1.72 24.50 36.62
CA THR A 50 2.38 24.94 35.40
C THR A 50 1.35 25.33 34.33
N TYR A 51 1.82 25.99 33.28
CA TYR A 51 0.94 26.44 32.21
C TYR A 51 1.48 26.05 30.83
N PHE A 52 0.59 25.51 29.99
CA PHE A 52 0.97 25.12 28.63
C PHE A 52 0.21 25.92 27.58
N GLN A 53 0.95 26.66 26.75
CA GLN A 53 0.36 27.40 25.65
C GLN A 53 0.87 26.85 24.33
N ASN A 54 0.04 26.07 23.66
CA ASN A 54 0.43 25.42 22.42
C ASN A 54 1.77 24.71 22.57
N GLU A 55 1.77 23.61 23.34
CA GLU A 55 2.96 22.80 23.56
C GLU A 55 4.15 23.59 24.13
N ALA A 56 3.87 24.76 24.68
CA ALA A 56 4.94 25.61 25.22
C ALA A 56 4.61 26.13 26.63
N GLN A 57 5.48 25.83 27.58
CA GLN A 57 5.31 26.29 28.95
C GLN A 57 5.72 27.76 29.10
N LEU A 58 4.76 28.60 29.52
CA LEU A 58 5.01 30.01 29.71
C LEU A 58 4.90 30.42 31.17
N ASP A 59 4.75 29.43 32.05
CA ASP A 59 4.62 29.69 33.48
C ASP A 59 4.89 28.44 34.31
N LYS A 60 5.78 28.56 35.29
CA LYS A 60 6.14 27.45 36.15
C LYS A 60 6.26 27.90 37.60
N SER A 61 5.36 28.79 38.02
CA SER A 61 5.41 29.36 39.35
C SER A 61 4.90 28.41 40.42
N GLY A 62 3.88 27.63 40.08
CA GLY A 62 3.24 26.74 41.03
C GLY A 62 4.10 25.57 41.48
N LEU A 63 5.14 25.26 40.71
CA LEU A 63 5.98 24.11 41.00
C LEU A 63 6.87 24.32 42.21
N PRO A 64 6.63 23.54 43.28
CA PRO A 64 7.43 23.61 44.50
C PRO A 64 8.78 22.90 44.35
N SER A 65 8.73 21.60 44.08
CA SER A 65 9.96 20.81 43.93
C SER A 65 10.28 20.54 42.47
N ASP A 66 11.58 20.47 42.16
CA ASP A 66 12.02 20.28 40.79
C ASP A 66 11.84 18.84 40.31
N ARG A 67 11.35 17.97 41.20
CA ARG A 67 11.13 16.57 40.85
C ARG A 67 10.02 16.43 39.81
N PHE A 68 9.13 17.41 39.77
CA PHE A 68 8.01 17.40 38.82
C PHE A 68 8.45 17.99 37.48
N PHE A 69 7.89 17.46 36.40
CA PHE A 69 8.18 17.97 35.06
C PHE A 69 7.17 17.47 34.04
N ALA A 70 6.42 18.39 33.45
CA ALA A 70 5.41 18.05 32.46
C ALA A 70 5.86 18.43 31.05
N GLU A 71 5.46 17.60 30.07
CA GLU A 71 5.83 17.84 28.69
C GLU A 71 4.63 17.68 27.76
N ARG A 72 4.53 18.56 26.77
CA ARG A 72 3.44 18.51 25.81
C ARG A 72 3.98 18.57 24.39
N PRO A 73 4.73 17.53 23.97
CA PRO A 73 5.36 17.50 22.65
C PRO A 73 4.34 17.51 21.52
N GLU A 74 3.35 16.63 21.59
CA GLU A 74 2.34 16.52 20.55
C GLU A 74 1.52 17.80 20.39
N GLY A 75 1.44 18.58 21.46
CA GLY A 75 0.67 19.82 21.45
C GLY A 75 -0.79 19.58 21.78
N SER A 76 -1.17 18.31 21.84
CA SER A 76 -2.53 17.93 22.17
C SER A 76 -2.55 16.94 23.34
N VAL A 77 -1.36 16.51 23.74
CA VAL A 77 -1.22 15.56 24.83
C VAL A 77 -0.10 15.99 25.77
N SER A 78 -0.41 16.06 27.07
CA SER A 78 0.58 16.44 28.07
C SER A 78 0.88 15.28 29.01
N THR A 79 2.06 15.32 29.63
CA THR A 79 2.48 14.26 30.55
C THR A 79 3.31 14.81 31.70
N LEU A 80 2.75 14.77 32.90
CA LEU A 80 3.43 15.24 34.09
C LEU A 80 4.08 14.10 34.86
N LYS A 81 5.41 14.15 35.00
CA LYS A 81 6.13 13.10 35.71
C LYS A 81 6.72 13.61 37.02
N ILE A 82 6.79 12.73 38.01
CA ILE A 82 7.31 13.09 39.32
C ILE A 82 8.36 12.08 39.78
N GLN A 83 9.64 12.45 39.68
CA GLN A 83 10.72 11.56 40.07
C GLN A 83 10.86 11.46 41.59
N ARG A 84 11.06 10.24 42.09
CA ARG A 84 11.24 10.00 43.51
C ARG A 84 10.14 10.67 44.33
N THR A 85 8.89 10.31 44.04
CA THR A 85 7.74 10.92 44.71
C THR A 85 7.83 10.79 46.24
N GLN A 86 7.27 11.77 46.94
CA GLN A 86 7.26 11.76 48.39
C GLN A 86 5.84 11.84 48.93
N GLN A 87 5.70 12.03 50.24
CA GLN A 87 4.40 12.08 50.87
C GLN A 87 3.67 13.39 50.58
N GLU A 88 4.42 14.48 50.45
CA GLU A 88 3.85 15.78 50.14
C GLU A 88 3.32 15.82 48.71
N ASP A 89 3.44 14.70 48.01
CA ASP A 89 2.94 14.60 46.64
C ASP A 89 1.56 13.93 46.63
N SER A 90 1.17 13.38 47.77
CA SER A 90 -0.12 12.72 47.90
C SER A 90 -1.27 13.73 47.79
N ALA A 91 -1.75 13.94 46.57
CA ALA A 91 -2.82 14.88 46.32
C ALA A 91 -3.52 14.58 44.99
N VAL A 92 -4.52 15.39 44.65
CA VAL A 92 -5.26 15.21 43.41
C VAL A 92 -4.83 16.25 42.37
N TYR A 93 -4.09 15.78 41.36
CA TYR A 93 -3.62 16.66 40.29
C TYR A 93 -4.65 16.78 39.18
N LEU A 94 -5.13 17.98 38.94
CA LEU A 94 -6.15 18.23 37.93
C LEU A 94 -5.57 18.76 36.63
N CYS A 95 -6.36 18.68 35.56
CA CYS A 95 -5.95 19.17 34.26
C CYS A 95 -7.07 19.98 33.61
N ALA A 96 -6.72 21.13 33.06
CA ALA A 96 -7.71 22.01 32.43
C ALA A 96 -7.28 22.42 31.03
N SER A 97 -8.26 22.74 30.19
CA SER A 97 -7.97 23.18 28.82
C SER A 97 -8.96 24.26 28.40
N SER A 98 -8.51 25.15 27.51
CA SER A 98 -9.34 26.25 27.04
C SER A 98 -8.86 26.76 25.69
N LEU A 99 -9.67 27.61 25.07
CA LEU A 99 -9.32 28.21 23.78
C LEU A 99 -8.18 29.21 23.96
N GLY A 100 -7.87 29.53 25.21
CA GLY A 100 -6.82 30.47 25.53
C GLY A 100 -6.83 30.84 26.99
N GLN A 101 -5.86 31.66 27.40
CA GLN A 101 -5.75 32.09 28.80
C GLN A 101 -6.81 33.12 29.15
N ALA A 102 -7.72 33.38 28.22
CA ALA A 102 -8.78 34.35 28.44
C ALA A 102 -10.16 33.75 28.20
N TYR A 103 -10.28 32.45 28.43
CA TYR A 103 -11.54 31.75 28.25
C TYR A 103 -11.82 30.80 29.41
N GLU A 104 -13.04 30.30 29.49
CA GLU A 104 -13.43 29.40 30.58
C GLU A 104 -12.65 28.09 30.49
N GLN A 105 -12.62 27.34 31.60
CA GLN A 105 -11.81 26.13 31.67
C GLN A 105 -12.67 24.86 31.76
N TYR A 106 -12.17 23.79 31.15
CA TYR A 106 -12.81 22.48 31.23
C TYR A 106 -11.92 21.50 31.97
N PHE A 107 -12.41 20.94 33.07
CA PHE A 107 -11.63 20.04 33.89
C PHE A 107 -11.94 18.57 33.60
N GLY A 108 -10.95 17.71 33.83
CA GLY A 108 -11.12 16.28 33.66
C GLY A 108 -11.35 15.59 34.99
N PRO A 109 -11.49 14.27 34.97
CA PRO A 109 -11.71 13.47 36.19
C PRO A 109 -10.63 13.72 37.23
N GLY A 110 -9.42 14.02 36.79
CA GLY A 110 -8.32 14.27 37.70
C GLY A 110 -7.54 13.00 38.02
N THR A 111 -6.48 13.14 38.80
CA THR A 111 -5.66 12.00 39.19
C THR A 111 -5.39 11.99 40.69
N ARG A 112 -6.08 11.11 41.40
CA ARG A 112 -5.88 10.96 42.84
C ARG A 112 -4.61 10.17 43.13
N LEU A 113 -3.65 10.80 43.78
CA LEU A 113 -2.37 10.17 44.08
C LEU A 113 -2.18 9.98 45.58
N THR A 114 -1.63 8.82 45.95
CA THR A 114 -1.35 8.50 47.35
C THR A 114 -0.07 7.71 47.48
N VAL A 115 0.93 8.32 48.11
CA VAL A 115 2.23 7.68 48.29
C VAL A 115 2.37 7.10 49.70
N THR A 116 3.06 5.96 49.81
CA THR A 116 3.21 5.30 51.09
C THR A 116 4.62 4.70 51.24
N GLU A 117 5.06 4.56 52.48
CA GLU A 117 6.35 3.94 52.77
C GLU A 117 6.42 2.51 52.26
N ASP A 118 5.41 1.71 52.61
CA ASP A 118 5.34 0.32 52.19
C ASP A 118 4.00 0.03 51.52
N LEU A 119 4.04 -0.73 50.43
CA LEU A 119 2.84 -1.08 49.68
C LEU A 119 2.04 -2.17 50.37
N LYS A 120 2.53 -2.62 51.52
CA LYS A 120 1.84 -3.64 52.30
C LYS A 120 0.68 -3.04 53.07
N ASN A 121 0.55 -1.71 53.00
CA ASN A 121 -0.52 -1.01 53.69
C ASN A 121 -1.80 -0.94 52.87
N VAL A 122 -1.74 -1.44 51.64
CA VAL A 122 -2.89 -1.44 50.75
C VAL A 122 -3.85 -2.57 51.12
N PHE A 123 -5.14 -2.26 51.18
CA PHE A 123 -6.15 -3.25 51.55
C PHE A 123 -7.47 -3.00 50.82
N PRO A 124 -8.13 -4.09 50.37
CA PRO A 124 -9.45 -4.01 49.75
C PRO A 124 -10.52 -3.66 50.78
N PRO A 125 -11.66 -3.14 50.31
CA PRO A 125 -12.78 -2.75 51.19
C PRO A 125 -13.51 -3.97 51.76
N GLU A 126 -14.07 -3.80 52.96
CA GLU A 126 -14.86 -4.86 53.58
C GLU A 126 -16.34 -4.48 53.48
N VAL A 127 -16.95 -4.80 52.34
CA VAL A 127 -18.32 -4.37 52.06
C VAL A 127 -19.38 -5.27 52.69
N ALA A 128 -20.36 -4.65 53.34
CA ALA A 128 -21.47 -5.38 53.94
C ALA A 128 -22.75 -4.55 53.85
N VAL A 129 -23.86 -5.23 53.59
CA VAL A 129 -25.15 -4.54 53.45
C VAL A 129 -26.13 -4.92 54.56
N PHE A 130 -26.85 -3.93 55.06
CA PHE A 130 -27.85 -4.15 56.09
C PHE A 130 -29.26 -3.90 55.57
N GLU A 131 -30.23 -4.60 56.15
CA GLU A 131 -31.62 -4.44 55.74
C GLU A 131 -32.29 -3.33 56.54
N PRO A 132 -33.38 -2.75 55.99
CA PRO A 132 -34.17 -1.74 56.68
C PRO A 132 -34.85 -2.32 57.91
N SER A 133 -34.98 -1.52 58.97
CA SER A 133 -35.64 -1.97 60.19
C SER A 133 -37.15 -1.85 60.06
N GLU A 134 -37.87 -2.71 60.79
CA GLU A 134 -39.32 -2.70 60.76
C GLU A 134 -39.88 -1.38 61.27
N ALA A 135 -39.13 -0.73 62.15
CA ALA A 135 -39.54 0.55 62.72
C ALA A 135 -39.63 1.63 61.65
N GLU A 136 -38.60 1.74 60.83
CA GLU A 136 -38.56 2.73 59.76
C GLU A 136 -39.62 2.45 58.70
N ILE A 137 -39.85 1.17 58.43
CA ILE A 137 -40.80 0.76 57.40
C ILE A 137 -42.25 1.12 57.77
N SER A 138 -42.64 0.78 58.99
CA SER A 138 -44.02 1.01 59.44
C SER A 138 -44.29 2.48 59.73
N HIS A 139 -43.22 3.25 59.92
CA HIS A 139 -43.36 4.67 60.27
C HIS A 139 -43.41 5.56 59.03
N THR A 140 -42.37 5.48 58.20
CA THR A 140 -42.25 6.36 57.04
C THR A 140 -42.77 5.70 55.76
N GLN A 141 -43.14 4.43 55.85
CA GLN A 141 -43.57 3.67 54.68
C GLN A 141 -42.47 3.64 53.61
N LYS A 142 -41.23 3.81 54.06
CA LYS A 142 -40.08 3.77 53.16
C LYS A 142 -38.95 2.95 53.78
N ALA A 143 -38.15 2.33 52.93
CA ALA A 143 -37.04 1.49 53.40
C ALA A 143 -35.70 2.05 52.97
N THR A 144 -34.71 1.94 53.85
CA THR A 144 -33.38 2.44 53.58
C THR A 144 -32.30 1.37 53.83
N LEU A 145 -31.53 1.06 52.80
CA LEU A 145 -30.46 0.07 52.91
C LEU A 145 -29.13 0.74 53.19
N VAL A 146 -28.27 0.06 53.94
CA VAL A 146 -26.98 0.62 54.32
C VAL A 146 -25.82 -0.25 53.86
N CYS A 147 -24.85 0.37 53.20
CA CYS A 147 -23.64 -0.33 52.75
C CYS A 147 -22.42 0.21 53.48
N LEU A 148 -21.53 -0.68 53.88
CA LEU A 148 -20.34 -0.29 54.63
C LEU A 148 -19.06 -0.84 54.03
N ALA A 149 -18.18 0.06 53.59
CA ALA A 149 -16.87 -0.33 53.09
C ALA A 149 -15.78 0.08 54.07
N THR A 150 -15.14 -0.89 54.69
CA THR A 150 -14.16 -0.62 55.74
C THR A 150 -12.80 -1.25 55.45
N GLY A 151 -11.82 -0.92 56.29
CA GLY A 151 -10.50 -1.48 56.20
C GLY A 151 -9.90 -1.48 54.81
N PHE A 152 -9.96 -0.32 54.15
CA PHE A 152 -9.38 -0.20 52.81
C PHE A 152 -8.41 0.98 52.72
N TYR A 153 -7.29 0.76 52.04
CA TYR A 153 -6.28 1.79 51.88
C TYR A 153 -5.63 1.69 50.50
N PRO A 154 -5.45 2.84 49.83
CA PRO A 154 -5.87 4.15 50.34
C PRO A 154 -7.38 4.37 50.14
N ASP A 155 -7.81 5.63 50.19
CA ASP A 155 -9.21 5.96 50.00
C ASP A 155 -9.58 6.06 48.52
N HIS A 156 -9.16 5.06 47.75
CA HIS A 156 -9.46 5.01 46.32
C HIS A 156 -10.62 4.06 46.05
N VAL A 157 -11.84 4.54 46.23
CA VAL A 157 -13.02 3.71 46.04
C VAL A 157 -14.15 4.43 45.32
N GLU A 158 -14.99 3.67 44.63
CA GLU A 158 -16.17 4.22 43.95
C GLU A 158 -17.39 3.37 44.25
N LEU A 159 -18.22 3.83 45.17
CA LEU A 159 -19.40 3.10 45.60
C LEU A 159 -20.61 3.38 44.70
N SER A 160 -21.37 2.35 44.40
CA SER A 160 -22.56 2.47 43.57
C SER A 160 -23.55 1.34 43.86
N TRP A 161 -24.84 1.65 43.79
CA TRP A 161 -25.87 0.64 44.04
C TRP A 161 -26.35 0.01 42.74
N TRP A 162 -26.78 -1.25 42.84
CA TRP A 162 -27.26 -1.99 41.67
C TRP A 162 -28.53 -2.77 41.98
N VAL A 163 -29.67 -2.23 41.56
CA VAL A 163 -30.96 -2.89 41.78
C VAL A 163 -31.40 -3.65 40.54
N ASN A 164 -31.52 -4.96 40.68
CA ASN A 164 -31.96 -5.82 39.57
C ASN A 164 -31.01 -5.77 38.37
N GLY A 165 -29.72 -5.86 38.63
CA GLY A 165 -28.72 -5.91 37.58
C GLY A 165 -28.34 -4.54 37.03
N LYS A 166 -29.17 -3.54 37.32
CA LYS A 166 -28.90 -2.18 36.83
C LYS A 166 -28.52 -1.24 37.96
N GLU A 167 -27.57 -0.35 37.67
CA GLU A 167 -27.13 0.63 38.66
C GLU A 167 -28.17 1.72 38.87
N VAL A 168 -28.33 2.16 40.11
CA VAL A 168 -29.27 3.23 40.43
C VAL A 168 -28.55 4.42 41.05
N HIS A 169 -29.10 5.61 40.81
CA HIS A 169 -28.53 6.84 41.35
C HIS A 169 -29.56 7.59 42.19
N SER A 170 -30.84 7.35 41.90
CA SER A 170 -31.94 7.99 42.62
C SER A 170 -32.06 7.43 44.03
N GLY A 171 -32.28 8.31 45.00
CA GLY A 171 -32.40 7.91 46.38
C GLY A 171 -31.08 7.45 46.97
N VAL A 172 -30.01 7.58 46.19
CA VAL A 172 -28.69 7.16 46.62
C VAL A 172 -27.93 8.30 47.27
N SER A 173 -27.59 8.13 48.55
CA SER A 173 -26.84 9.14 49.29
C SER A 173 -25.60 8.52 49.93
N THR A 174 -24.43 8.88 49.42
CA THR A 174 -23.17 8.35 49.92
C THR A 174 -22.34 9.44 50.58
N ASP A 175 -21.49 9.05 51.51
CA ASP A 175 -20.61 10.00 52.21
C ASP A 175 -19.73 10.76 51.22
N PRO A 176 -19.44 12.03 51.54
CA PRO A 176 -18.58 12.88 50.71
C PRO A 176 -17.20 12.28 50.49
N GLN A 177 -16.56 11.84 51.58
CA GLN A 177 -15.23 11.26 51.50
C GLN A 177 -14.99 10.24 52.62
N PRO A 178 -14.19 9.21 52.32
CA PRO A 178 -13.85 8.16 53.29
C PRO A 178 -13.26 8.74 54.57
N LEU A 179 -13.62 8.16 55.71
CA LEU A 179 -13.12 8.61 57.01
C LEU A 179 -12.13 7.62 57.60
N LYS A 180 -10.99 8.13 58.06
CA LYS A 180 -9.99 7.28 58.69
C LYS A 180 -10.55 6.57 59.91
N GLU A 181 -10.33 5.26 59.98
CA GLU A 181 -10.79 4.46 61.11
C GLU A 181 -10.09 4.92 62.39
N GLN A 182 -8.86 5.39 62.25
CA GLN A 182 -8.09 5.91 63.37
C GLN A 182 -7.35 7.18 62.96
N PRO A 183 -8.01 8.34 63.10
CA PRO A 183 -7.46 9.64 62.72
C PRO A 183 -6.13 9.96 63.40
N ALA A 184 -5.93 9.41 64.59
CA ALA A 184 -4.71 9.68 65.36
C ALA A 184 -3.46 9.21 64.63
N LEU A 185 -3.46 7.94 64.22
CA LEU A 185 -2.31 7.35 63.56
C LEU A 185 -2.12 7.95 62.17
N ASN A 186 -0.88 8.35 61.86
CA ASN A 186 -0.57 8.93 60.55
C ASN A 186 -0.96 7.99 59.42
N ASP A 187 -0.75 6.70 59.63
CA ASP A 187 -1.13 5.68 58.65
C ASP A 187 -2.32 4.89 59.17
N SER A 188 -3.50 5.15 58.60
CA SER A 188 -4.73 4.48 59.03
C SER A 188 -5.59 4.09 57.84
N ARG A 189 -6.44 3.08 58.04
CA ARG A 189 -7.36 2.64 57.01
C ARG A 189 -8.56 3.56 56.91
N TYR A 190 -9.35 3.40 55.85
CA TYR A 190 -10.51 4.26 55.62
C TYR A 190 -11.81 3.50 55.73
N CYS A 191 -12.91 4.24 55.90
CA CYS A 191 -14.25 3.66 55.96
C CYS A 191 -15.18 4.46 55.06
N LEU A 192 -16.35 3.89 54.78
CA LEU A 192 -17.31 4.54 53.90
C LEU A 192 -18.71 3.95 54.07
N SER A 193 -19.73 4.79 53.92
CA SER A 193 -21.11 4.36 54.06
C SER A 193 -22.00 4.97 52.97
N SER A 194 -23.09 4.27 52.65
CA SER A 194 -24.03 4.75 51.65
C SER A 194 -25.46 4.39 52.05
N ARG A 195 -26.43 5.05 51.43
CA ARG A 195 -27.83 4.85 51.78
C ARG A 195 -28.74 4.86 50.56
N LEU A 196 -29.43 3.75 50.33
CA LEU A 196 -30.40 3.65 49.25
C LEU A 196 -31.82 3.64 49.80
N ARG A 197 -32.59 4.65 49.44
CA ARG A 197 -33.95 4.80 49.96
C ARG A 197 -35.01 4.44 48.94
N VAL A 198 -35.69 3.33 49.16
CA VAL A 198 -36.79 2.90 48.29
C VAL A 198 -38.09 2.86 49.08
N SER A 199 -39.19 2.59 48.38
CA SER A 199 -40.49 2.49 49.03
C SER A 199 -40.61 1.18 49.80
N ALA A 200 -41.37 1.19 50.89
CA ALA A 200 -41.57 0.01 51.70
C ALA A 200 -42.18 -1.12 50.87
N THR A 201 -42.99 -0.75 49.89
CA THR A 201 -43.63 -1.72 49.01
C THR A 201 -42.62 -2.34 48.06
N PHE A 202 -41.52 -1.63 47.82
CA PHE A 202 -40.48 -2.10 46.91
C PHE A 202 -39.53 -3.06 47.62
N TRP A 203 -39.15 -2.71 48.85
CA TRP A 203 -38.24 -3.55 49.63
C TRP A 203 -38.93 -4.87 50.05
N GLN A 204 -40.25 -4.81 50.20
CA GLN A 204 -41.01 -5.99 50.60
C GLN A 204 -41.31 -6.91 49.42
N ASN A 205 -40.42 -6.88 48.43
CA ASN A 205 -40.56 -7.74 47.25
C ASN A 205 -39.33 -8.62 47.06
N PRO A 206 -39.46 -9.91 47.40
CA PRO A 206 -38.37 -10.89 47.31
C PRO A 206 -37.76 -10.92 45.91
N ARG A 207 -38.56 -10.65 44.89
CA ARG A 207 -38.09 -10.65 43.51
C ARG A 207 -36.98 -9.61 43.31
N ASN A 208 -37.17 -8.45 43.92
CA ASN A 208 -36.19 -7.36 43.79
C ASN A 208 -34.86 -7.69 44.44
N HIS A 209 -33.79 -7.46 43.71
CA HIS A 209 -32.44 -7.74 44.20
C HIS A 209 -31.66 -6.44 44.41
N PHE A 210 -31.08 -6.28 45.60
CA PHE A 210 -30.33 -5.07 45.92
C PHE A 210 -28.86 -5.41 46.19
N ARG A 211 -27.96 -4.68 45.53
CA ARG A 211 -26.54 -4.91 45.68
C ARG A 211 -25.75 -3.61 45.80
N CYS A 212 -24.79 -3.58 46.71
CA CYS A 212 -23.93 -2.42 46.90
C CYS A 212 -22.53 -2.70 46.39
N GLN A 213 -22.12 -1.96 45.36
CA GLN A 213 -20.81 -2.16 44.74
C GLN A 213 -19.80 -1.11 45.23
N VAL A 214 -18.56 -1.54 45.39
CA VAL A 214 -17.50 -0.64 45.81
C VAL A 214 -16.22 -0.86 44.99
N GLN A 215 -16.06 -0.06 43.95
CA GLN A 215 -14.89 -0.17 43.08
C GLN A 215 -13.63 0.32 43.78
N PHE A 216 -12.75 -0.62 44.11
CA PHE A 216 -11.50 -0.29 44.80
C PHE A 216 -10.32 -0.27 43.84
N TYR A 217 -9.47 0.76 43.96
CA TYR A 217 -8.29 0.87 43.13
C TYR A 217 -7.02 0.65 43.95
N GLY A 218 -6.37 -0.48 43.72
CA GLY A 218 -5.16 -0.81 44.47
C GLY A 218 -3.93 -0.85 43.58
N LEU A 219 -3.13 -1.91 43.75
CA LEU A 219 -1.90 -2.06 42.98
C LEU A 219 -2.17 -2.68 41.62
N SER A 220 -1.41 -2.26 40.61
CA SER A 220 -1.55 -2.78 39.26
C SER A 220 -0.77 -4.08 39.10
N GLU A 221 -0.70 -4.57 37.86
CA GLU A 221 0.01 -5.81 37.56
C GLU A 221 1.52 -5.62 37.64
N ASN A 222 1.99 -4.45 37.25
CA ASN A 222 3.42 -4.17 37.20
C ASN A 222 4.03 -3.90 38.57
N ASP A 223 3.30 -4.25 39.62
CA ASP A 223 3.79 -4.07 40.98
C ASP A 223 4.00 -5.42 41.68
N GLU A 224 5.22 -5.66 42.13
CA GLU A 224 5.57 -6.93 42.77
C GLU A 224 4.98 -7.02 44.17
N TRP A 225 4.52 -8.21 44.54
CA TRP A 225 3.94 -8.44 45.86
C TRP A 225 4.58 -9.65 46.53
N THR A 226 5.01 -9.47 47.78
CA THR A 226 5.71 -10.52 48.50
C THR A 226 4.81 -11.28 49.46
N GLN A 227 4.00 -10.55 50.22
CA GLN A 227 3.12 -11.15 51.22
C GLN A 227 2.37 -12.34 50.61
N ASP A 228 2.50 -13.49 51.24
CA ASP A 228 1.92 -14.73 50.72
C ASP A 228 0.39 -14.68 50.65
N ARG A 229 -0.21 -13.89 51.54
CA ARG A 229 -1.67 -13.81 51.60
C ARG A 229 -2.25 -12.80 50.61
N ALA A 230 -2.91 -13.31 49.58
CA ALA A 230 -3.58 -12.47 48.59
C ALA A 230 -2.71 -11.34 48.04
N LYS A 231 -3.36 -10.39 47.36
CA LYS A 231 -2.69 -9.22 46.82
C LYS A 231 -3.69 -8.12 46.52
N PRO A 232 -3.60 -6.99 47.25
CA PRO A 232 -4.52 -5.86 47.13
C PRO A 232 -4.40 -5.16 45.77
N VAL A 233 -4.98 -5.75 44.74
CA VAL A 233 -4.97 -5.16 43.41
C VAL A 233 -6.30 -4.47 43.12
N THR A 234 -6.35 -3.76 41.99
CA THR A 234 -7.58 -3.07 41.60
C THR A 234 -8.72 -4.08 41.44
N GLN A 235 -9.63 -4.08 42.41
CA GLN A 235 -10.72 -5.05 42.43
C GLN A 235 -12.01 -4.41 42.92
N ILE A 236 -13.11 -5.16 42.85
CA ILE A 236 -14.40 -4.68 43.32
C ILE A 236 -14.93 -5.58 44.44
N VAL A 237 -15.62 -4.97 45.41
CA VAL A 237 -16.21 -5.71 46.51
C VAL A 237 -17.66 -5.32 46.69
N SER A 238 -18.55 -6.31 46.65
CA SER A 238 -19.98 -6.04 46.74
C SER A 238 -20.66 -6.84 47.85
N ALA A 239 -21.89 -6.46 48.16
CA ALA A 239 -22.71 -7.17 49.15
C ALA A 239 -24.17 -7.05 48.73
N GLU A 240 -24.90 -8.16 48.79
CA GLU A 240 -26.27 -8.18 48.30
C GLU A 240 -27.27 -8.72 49.33
N ALA A 241 -28.54 -8.54 49.04
CA ALA A 241 -29.62 -9.02 49.91
C ALA A 241 -30.95 -8.97 49.17
N TRP A 242 -31.80 -9.95 49.42
CA TRP A 242 -33.10 -10.02 48.76
C TRP A 242 -34.18 -9.34 49.59
N GLY A 243 -35.21 -8.84 48.92
CA GLY A 243 -36.30 -8.16 49.59
C GLY A 243 -37.15 -9.10 50.41
N ARG A 244 -37.94 -8.54 51.32
CA ARG A 244 -38.82 -9.35 52.17
C ARG A 244 -40.28 -9.02 51.93
N MET B 5 3.26 1.00 6.73
CA MET B 5 4.61 0.83 7.26
C MET B 5 5.52 0.14 6.25
N GLY B 6 6.34 -0.77 6.74
CA GLY B 6 7.26 -1.52 5.89
C GLY B 6 6.54 -2.29 4.80
N VAL B 7 7.30 -2.80 3.84
CA VAL B 7 8.75 -2.64 3.83
C VAL B 7 9.15 -1.32 3.19
N SER B 8 10.33 -0.81 3.56
CA SER B 8 10.82 0.45 3.01
C SER B 8 12.30 0.35 2.65
N GLN B 9 12.62 0.75 1.42
CA GLN B 9 14.01 0.75 0.96
C GLN B 9 14.49 2.16 0.68
N SER B 10 15.79 2.39 0.89
CA SER B 10 16.37 3.71 0.67
C SER B 10 17.81 3.60 0.18
N PRO B 11 18.15 4.40 -0.85
CA PRO B 11 17.21 5.30 -1.53
C PRO B 11 16.35 4.54 -2.52
N ARG B 12 15.25 5.15 -2.96
CA ARG B 12 14.37 4.54 -3.95
C ARG B 12 14.98 4.69 -5.34
N TYR B 13 15.72 5.77 -5.55
CA TYR B 13 16.38 6.02 -6.83
C TYR B 13 17.84 6.42 -6.60
N LYS B 14 18.75 5.72 -7.27
CA LYS B 14 20.18 5.98 -7.10
C LYS B 14 20.92 5.93 -8.43
N VAL B 15 21.63 7.01 -8.73
CA VAL B 15 22.46 7.07 -9.94
C VAL B 15 23.92 7.33 -9.56
N ALA B 16 24.78 6.35 -9.80
CA ALA B 16 26.17 6.44 -9.41
C ALA B 16 27.12 6.48 -10.60
N LYS B 17 28.41 6.62 -10.31
CA LYS B 17 29.44 6.67 -11.34
C LYS B 17 30.11 5.31 -11.48
N ARG B 18 30.63 5.02 -12.67
CA ARG B 18 31.31 3.76 -12.91
C ARG B 18 32.56 3.63 -12.05
N GLY B 19 32.62 2.55 -11.27
CA GLY B 19 33.75 2.30 -10.39
C GLY B 19 33.57 2.91 -9.02
N GLN B 20 32.32 3.23 -8.67
CA GLN B 20 32.01 3.82 -7.38
C GLN B 20 31.26 2.83 -6.49
N ASP B 21 31.20 3.12 -5.19
CA ASP B 21 30.50 2.25 -4.25
C ASP B 21 29.14 2.80 -3.88
N VAL B 22 28.22 1.91 -3.54
CA VAL B 22 26.87 2.30 -3.15
C VAL B 22 26.38 1.50 -1.95
N ALA B 23 25.25 1.90 -1.39
CA ALA B 23 24.66 1.23 -0.23
C ALA B 23 23.15 1.33 -0.25
N LEU B 24 22.48 0.19 -0.11
CA LEU B 24 21.03 0.13 -0.14
C LEU B 24 20.46 -0.39 1.17
N ARG B 25 19.64 0.43 1.83
CA ARG B 25 19.05 0.05 3.11
C ARG B 25 17.67 -0.56 2.91
N CYS B 26 17.27 -1.42 3.85
CA CYS B 26 15.96 -2.07 3.79
C CYS B 26 15.39 -2.27 5.19
N ASP B 27 14.19 -1.76 5.42
CA ASP B 27 13.54 -1.87 6.71
C ASP B 27 12.26 -2.69 6.63
N PRO B 28 12.33 -3.97 7.05
CA PRO B 28 11.21 -4.90 7.05
C PRO B 28 10.04 -4.42 7.91
N ILE B 29 9.05 -5.29 8.08
CA ILE B 29 7.84 -4.93 8.83
C ILE B 29 7.84 -5.55 10.22
N SER B 30 7.72 -4.71 11.25
CA SER B 30 7.66 -5.17 12.63
C SER B 30 8.73 -6.21 12.94
N GLY B 31 9.90 -6.05 12.32
CA GLY B 31 11.00 -6.98 12.53
C GLY B 31 10.69 -8.39 12.09
N HIS B 32 10.50 -8.58 10.79
CA HIS B 32 10.26 -9.91 10.23
C HIS B 32 11.48 -10.80 10.44
N VAL B 33 11.24 -12.11 10.51
CA VAL B 33 12.32 -13.07 10.75
C VAL B 33 13.25 -13.18 9.55
N SER B 34 12.66 -13.31 8.36
CA SER B 34 13.45 -13.49 7.14
C SER B 34 13.55 -12.20 6.32
N LEU B 35 14.59 -12.12 5.50
CA LEU B 35 14.81 -10.96 4.64
C LEU B 35 15.44 -11.41 3.33
N PHE B 36 14.97 -10.85 2.21
CA PHE B 36 15.44 -11.25 0.89
C PHE B 36 15.94 -10.07 0.07
N TRP B 37 16.66 -10.39 -1.00
CA TRP B 37 17.12 -9.39 -1.96
C TRP B 37 17.02 -9.94 -3.38
N TYR B 38 16.42 -9.15 -4.28
CA TYR B 38 16.23 -9.59 -5.65
C TYR B 38 16.78 -8.57 -6.66
N GLN B 39 16.87 -9.00 -7.92
CA GLN B 39 17.39 -8.14 -8.97
C GLN B 39 16.47 -8.17 -10.20
N GLN B 40 16.14 -7.00 -10.71
CA GLN B 40 15.31 -6.89 -11.91
C GLN B 40 15.97 -5.99 -12.95
N ALA B 41 16.46 -6.61 -14.02
CA ALA B 41 17.10 -5.88 -15.10
C ALA B 41 16.65 -6.42 -16.46
N LEU B 42 16.61 -5.53 -17.46
CA LEU B 42 16.24 -5.91 -18.81
C LEU B 42 14.85 -6.54 -18.87
N GLY B 43 14.00 -6.19 -17.90
CA GLY B 43 12.64 -6.69 -17.85
C GLY B 43 12.52 -8.11 -17.34
N GLN B 44 13.67 -8.77 -17.16
CA GLN B 44 13.68 -10.15 -16.67
C GLN B 44 13.04 -10.26 -15.29
N GLY B 45 12.46 -11.43 -15.02
CA GLY B 45 11.83 -11.68 -13.74
C GLY B 45 12.81 -11.59 -12.60
N PRO B 46 12.30 -11.48 -11.37
CA PRO B 46 13.13 -11.36 -10.16
C PRO B 46 14.12 -12.52 -10.04
N GLU B 47 15.41 -12.23 -10.22
CA GLU B 47 16.45 -13.24 -10.07
C GLU B 47 16.97 -13.26 -8.64
N PHE B 48 17.02 -14.46 -8.06
CA PHE B 48 17.46 -14.63 -6.68
C PHE B 48 18.87 -14.09 -6.46
N LEU B 49 19.11 -13.54 -5.28
CA LEU B 49 20.42 -13.00 -4.92
C LEU B 49 20.93 -13.57 -3.61
N THR B 50 20.38 -13.09 -2.50
CA THR B 50 20.80 -13.52 -1.17
C THR B 50 19.61 -13.76 -0.24
N TYR B 51 19.88 -14.43 0.88
CA TYR B 51 18.83 -14.76 1.84
C TYR B 51 19.34 -14.61 3.28
N PHE B 52 18.49 -14.05 4.14
CA PHE B 52 18.85 -13.84 5.54
C PHE B 52 17.78 -14.38 6.49
N GLN B 53 18.20 -15.20 7.44
CA GLN B 53 17.31 -15.70 8.48
C GLN B 53 17.76 -15.19 9.84
N ASN B 54 17.19 -14.08 10.27
CA ASN B 54 17.55 -13.47 11.56
C ASN B 54 19.05 -13.22 11.66
N GLU B 55 19.48 -12.05 11.20
CA GLU B 55 20.90 -11.67 11.20
C GLU B 55 21.85 -12.79 10.78
N ALA B 56 21.42 -13.60 9.82
CA ALA B 56 22.23 -14.71 9.34
C ALA B 56 22.01 -14.99 7.85
N GLN B 57 23.06 -14.79 7.06
CA GLN B 57 23.01 -15.06 5.63
C GLN B 57 23.24 -16.54 5.36
N LEU B 58 22.24 -17.19 4.77
CA LEU B 58 22.27 -18.64 4.58
C LEU B 58 22.25 -19.05 3.11
N ASP B 59 22.49 -18.10 2.21
CA ASP B 59 22.50 -18.38 0.78
C ASP B 59 23.14 -17.25 -0.02
N LYS B 60 24.12 -17.60 -0.85
CA LYS B 60 24.82 -16.62 -1.67
C LYS B 60 24.99 -17.11 -3.10
N SER B 61 24.18 -18.10 -3.48
CA SER B 61 24.27 -18.68 -4.82
C SER B 61 23.78 -17.71 -5.90
N GLY B 62 22.86 -16.83 -5.52
CA GLY B 62 22.29 -15.87 -6.44
C GLY B 62 23.24 -14.76 -6.82
N LEU B 63 24.25 -14.53 -5.99
CA LEU B 63 25.22 -13.48 -6.23
C LEU B 63 26.21 -13.85 -7.33
N PRO B 64 26.12 -13.16 -8.47
CA PRO B 64 27.00 -13.40 -9.63
C PRO B 64 28.42 -12.90 -9.38
N SER B 65 28.58 -11.58 -9.38
CA SER B 65 29.89 -10.96 -9.19
C SER B 65 30.38 -11.07 -7.75
N ASP B 66 31.63 -10.70 -7.52
CA ASP B 66 32.23 -10.78 -6.19
C ASP B 66 32.40 -9.39 -5.58
N ARG B 67 31.62 -8.43 -6.06
CA ARG B 67 31.67 -7.07 -5.54
C ARG B 67 30.45 -6.75 -4.71
N PHE B 68 29.82 -7.79 -4.16
CA PHE B 68 28.61 -7.63 -3.38
C PHE B 68 28.74 -8.28 -2.00
N PHE B 69 28.29 -7.56 -0.97
CA PHE B 69 28.29 -8.10 0.38
C PHE B 69 27.27 -7.38 1.25
N ALA B 70 26.32 -8.16 1.80
CA ALA B 70 25.27 -7.60 2.63
C ALA B 70 25.50 -7.92 4.11
N GLU B 71 24.84 -7.18 4.98
CA GLU B 71 24.97 -7.39 6.42
C GLU B 71 23.70 -7.02 7.17
N ARG B 72 23.32 -7.86 8.13
CA ARG B 72 22.13 -7.62 8.94
C ARG B 72 22.50 -7.67 10.42
N PRO B 73 22.93 -6.53 10.99
CA PRO B 73 23.41 -6.40 12.36
C PRO B 73 22.45 -7.00 13.40
N GLU B 74 21.53 -6.18 13.91
CA GLU B 74 20.60 -6.63 14.94
C GLU B 74 19.66 -7.71 14.44
N GLY B 75 19.62 -7.89 13.12
CA GLY B 75 18.74 -8.88 12.52
C GLY B 75 17.42 -8.28 12.13
N SER B 76 17.35 -6.95 12.13
CA SER B 76 16.14 -6.24 11.75
C SER B 76 16.31 -5.56 10.39
N VAL B 77 17.34 -4.71 10.30
CA VAL B 77 17.60 -3.97 9.06
C VAL B 77 18.85 -4.50 8.37
N SER B 78 18.75 -4.69 7.05
CA SER B 78 19.88 -5.16 6.26
C SER B 78 20.38 -4.07 5.31
N THR B 79 21.61 -4.22 4.83
CA THR B 79 22.21 -3.25 3.92
C THR B 79 23.03 -3.92 2.84
N LEU B 80 22.69 -3.66 1.58
CA LEU B 80 23.41 -4.22 0.45
C LEU B 80 24.43 -3.22 -0.10
N LYS B 81 25.69 -3.64 -0.17
CA LYS B 81 26.76 -2.76 -0.62
C LYS B 81 27.43 -3.27 -1.88
N ILE B 82 27.63 -2.37 -2.85
CA ILE B 82 28.30 -2.71 -4.09
C ILE B 82 29.52 -1.82 -4.30
N GLN B 83 30.65 -2.42 -4.63
CA GLN B 83 31.89 -1.67 -4.83
C GLN B 83 32.37 -1.73 -6.27
N ARG B 84 32.95 -0.64 -6.75
CA ARG B 84 33.45 -0.56 -8.12
C ARG B 84 32.39 -0.99 -9.11
N THR B 85 31.24 -0.31 -9.07
CA THR B 85 30.10 -0.64 -9.91
C THR B 85 30.41 -0.51 -11.40
N GLN B 86 29.52 -1.05 -12.22
CA GLN B 86 29.66 -0.98 -13.68
C GLN B 86 28.28 -0.88 -14.32
N GLN B 87 28.26 -0.64 -15.62
CA GLN B 87 27.00 -0.49 -16.36
C GLN B 87 26.12 -1.73 -16.21
N GLU B 88 26.77 -2.89 -16.16
CA GLU B 88 26.05 -4.16 -16.03
C GLU B 88 25.47 -4.35 -14.64
N ASP B 89 25.66 -3.35 -13.78
CA ASP B 89 25.10 -3.38 -12.43
C ASP B 89 23.76 -2.65 -12.40
N SER B 90 23.48 -1.91 -13.46
CA SER B 90 22.24 -1.15 -13.56
C SER B 90 21.02 -2.07 -13.51
N ALA B 91 20.20 -1.90 -12.48
CA ALA B 91 19.00 -2.72 -12.29
C ALA B 91 18.16 -2.19 -11.13
N VAL B 92 17.11 -2.94 -10.80
CA VAL B 92 16.25 -2.58 -9.67
C VAL B 92 16.30 -3.67 -8.60
N TYR B 93 16.87 -3.33 -7.46
CA TYR B 93 17.05 -4.30 -6.37
C TYR B 93 15.91 -4.24 -5.37
N LEU B 94 15.26 -5.39 -5.17
CA LEU B 94 14.12 -5.48 -4.26
C LEU B 94 14.51 -6.14 -2.95
N CYS B 95 13.78 -5.80 -1.89
CA CYS B 95 14.03 -6.37 -0.57
C CYS B 95 12.73 -6.76 0.10
N ALA B 96 12.52 -8.06 0.27
CA ALA B 96 11.28 -8.57 0.87
C ALA B 96 11.52 -9.13 2.28
N SER B 97 10.43 -9.46 2.97
CA SER B 97 10.49 -10.00 4.31
C SER B 97 9.23 -10.79 4.65
N SER B 98 9.41 -11.98 5.22
CA SER B 98 8.28 -12.82 5.58
C SER B 98 8.55 -13.56 6.89
N LEU B 99 7.71 -14.55 7.19
CA LEU B 99 7.85 -15.31 8.42
C LEU B 99 8.36 -16.73 8.16
N GLY B 100 7.90 -17.32 7.05
CA GLY B 100 8.30 -18.67 6.69
C GLY B 100 8.25 -18.92 5.20
N GLN B 101 8.46 -20.17 4.80
CA GLN B 101 8.45 -20.54 3.40
C GLN B 101 7.05 -20.49 2.79
N ALA B 102 6.09 -21.11 3.48
CA ALA B 102 4.70 -21.12 3.02
C ALA B 102 4.10 -19.72 3.09
N TYR B 103 4.55 -18.94 4.06
CA TYR B 103 4.09 -17.57 4.22
C TYR B 103 4.44 -16.74 2.99
N GLU B 104 3.53 -15.85 2.61
CA GLU B 104 3.75 -14.95 1.49
C GLU B 104 4.79 -13.90 1.86
N GLN B 105 5.26 -13.13 0.88
CA GLN B 105 6.31 -12.15 1.13
C GLN B 105 5.82 -10.72 0.90
N TYR B 106 6.29 -9.81 1.75
CA TYR B 106 5.98 -8.39 1.61
C TYR B 106 7.17 -7.65 0.99
N PHE B 107 6.94 -7.06 -0.18
CA PHE B 107 8.00 -6.35 -0.89
C PHE B 107 7.99 -4.85 -0.61
N GLY B 108 9.11 -4.20 -0.89
CA GLY B 108 9.23 -2.77 -0.71
C GLY B 108 9.30 -2.03 -2.03
N PRO B 109 9.43 -0.70 -1.98
CA PRO B 109 9.51 0.16 -3.17
C PRO B 109 10.63 -0.27 -4.11
N GLY B 110 11.72 -0.78 -3.55
CA GLY B 110 12.85 -1.21 -4.35
C GLY B 110 13.75 -0.05 -4.72
N THR B 111 15.00 -0.35 -5.09
CA THR B 111 15.95 0.67 -5.47
C THR B 111 16.31 0.59 -6.94
N ARG B 112 16.13 1.69 -7.65
CA ARG B 112 16.46 1.76 -9.07
C ARG B 112 17.86 2.30 -9.27
N LEU B 113 18.77 1.44 -9.73
CA LEU B 113 20.17 1.83 -9.89
C LEU B 113 20.58 1.89 -11.36
N THR B 114 21.31 2.95 -11.72
CA THR B 114 21.80 3.13 -13.08
C THR B 114 23.23 3.66 -13.06
N VAL B 115 24.18 2.79 -13.35
CA VAL B 115 25.60 3.16 -13.35
C VAL B 115 26.03 3.67 -14.72
N THR B 116 26.72 4.80 -14.73
CA THR B 116 27.19 5.41 -15.97
C THR B 116 28.65 5.86 -15.83
N GLU B 117 29.38 5.83 -16.94
CA GLU B 117 30.78 6.25 -16.95
C GLU B 117 30.96 7.62 -16.32
N ASP B 118 30.14 8.58 -16.75
CA ASP B 118 30.23 9.94 -16.25
C ASP B 118 28.89 10.41 -15.71
N LEU B 119 28.93 11.23 -14.66
CA LEU B 119 27.71 11.76 -14.06
C LEU B 119 27.21 12.99 -14.82
N LYS B 120 27.82 13.25 -15.98
CA LYS B 120 27.44 14.39 -16.80
C LYS B 120 26.29 14.03 -17.74
N ASN B 121 26.01 12.74 -17.86
CA ASN B 121 24.93 12.26 -18.73
C ASN B 121 23.56 12.44 -18.08
N VAL B 122 23.55 12.89 -16.83
CA VAL B 122 22.30 13.13 -16.11
C VAL B 122 21.68 14.45 -16.52
N PHE B 123 20.39 14.44 -16.82
CA PHE B 123 19.69 15.64 -17.25
C PHE B 123 18.23 15.67 -16.79
N PRO B 124 17.75 16.86 -16.41
CA PRO B 124 16.35 17.07 -16.01
C PRO B 124 15.41 17.00 -17.21
N PRO B 125 14.23 16.37 -17.01
CA PRO B 125 13.22 16.22 -18.06
C PRO B 125 12.58 17.55 -18.45
N GLU B 126 12.32 17.74 -19.73
CA GLU B 126 11.63 18.93 -20.21
C GLU B 126 10.14 18.63 -20.37
N VAL B 127 9.34 19.12 -19.42
CA VAL B 127 7.90 18.83 -19.41
C VAL B 127 7.11 19.85 -20.24
N ALA B 128 6.11 19.36 -20.96
CA ALA B 128 5.27 20.22 -21.78
C ALA B 128 3.87 19.63 -21.95
N VAL B 129 2.85 20.41 -21.61
CA VAL B 129 1.47 19.96 -21.71
C VAL B 129 0.79 20.53 -22.95
N PHE B 130 0.06 19.68 -23.66
CA PHE B 130 -0.65 20.09 -24.86
C PHE B 130 -2.16 20.03 -24.67
N GLU B 131 -2.86 21.00 -25.24
CA GLU B 131 -4.32 21.06 -25.14
C GLU B 131 -4.96 20.10 -26.13
N PRO B 132 -6.18 19.65 -25.84
CA PRO B 132 -6.94 18.79 -26.74
C PRO B 132 -7.33 19.53 -28.01
N SER B 133 -7.51 18.81 -29.11
CA SER B 133 -7.87 19.41 -30.38
C SER B 133 -9.39 19.54 -30.51
N GLU B 134 -9.82 20.53 -31.29
CA GLU B 134 -11.25 20.73 -31.53
C GLU B 134 -11.85 19.54 -32.26
N ALA B 135 -11.00 18.81 -32.98
CA ALA B 135 -11.43 17.62 -33.71
C ALA B 135 -11.84 16.52 -32.74
N GLU B 136 -11.10 16.40 -31.64
CA GLU B 136 -11.40 15.39 -30.63
C GLU B 136 -12.61 15.76 -29.79
N ILE B 137 -12.71 17.05 -29.45
CA ILE B 137 -13.81 17.54 -28.62
C ILE B 137 -15.14 17.47 -29.36
N SER B 138 -15.10 17.66 -30.67
CA SER B 138 -16.32 17.65 -31.48
C SER B 138 -16.65 16.25 -31.98
N HIS B 139 -15.75 15.30 -31.75
CA HIS B 139 -15.95 13.93 -32.22
C HIS B 139 -16.33 12.99 -31.09
N THR B 140 -15.71 13.17 -29.93
CA THR B 140 -15.94 12.28 -28.79
C THR B 140 -16.51 13.03 -27.58
N GLN B 141 -16.64 14.35 -27.70
CA GLN B 141 -17.11 15.17 -26.60
C GLN B 141 -16.26 14.99 -25.35
N LYS B 142 -14.97 14.71 -25.56
CA LYS B 142 -14.02 14.58 -24.47
C LYS B 142 -12.71 15.27 -24.79
N ALA B 143 -11.96 15.63 -23.76
CA ALA B 143 -10.70 16.33 -23.94
C ALA B 143 -9.54 15.55 -23.33
N THR B 144 -8.45 15.42 -24.09
CA THR B 144 -7.27 14.70 -23.61
C THR B 144 -6.02 15.56 -23.67
N LEU B 145 -5.46 15.86 -22.49
CA LEU B 145 -4.23 16.63 -22.41
C LEU B 145 -3.04 15.71 -22.57
N VAL B 146 -1.94 16.24 -23.10
CA VAL B 146 -0.74 15.44 -23.35
C VAL B 146 0.49 16.04 -22.69
N CYS B 147 1.02 15.34 -21.69
CA CYS B 147 2.24 15.76 -21.02
C CYS B 147 3.45 15.03 -21.60
N LEU B 148 4.51 15.78 -21.88
CA LEU B 148 5.71 15.19 -22.47
C LEU B 148 6.96 15.55 -21.68
N ALA B 149 7.56 14.54 -21.06
CA ALA B 149 8.83 14.72 -20.35
C ALA B 149 9.97 14.14 -21.18
N THR B 150 10.69 15.02 -21.86
CA THR B 150 11.74 14.59 -22.78
C THR B 150 13.14 14.87 -22.24
N GLY B 151 14.14 14.46 -23.01
CA GLY B 151 15.53 14.72 -22.70
C GLY B 151 15.90 14.65 -21.23
N PHE B 152 15.86 13.45 -20.66
CA PHE B 152 16.28 13.26 -19.27
C PHE B 152 17.02 11.94 -19.10
N TYR B 153 17.82 11.87 -18.03
CA TYR B 153 18.61 10.67 -17.77
C TYR B 153 19.01 10.60 -16.30
N PRO B 154 18.91 9.40 -15.70
CA PRO B 154 18.38 8.21 -16.38
C PRO B 154 16.86 8.18 -16.37
N ASP B 155 16.29 6.99 -16.49
CA ASP B 155 14.84 6.84 -16.48
C ASP B 155 14.28 6.78 -15.06
N HIS B 156 14.62 7.80 -14.27
CA HIS B 156 14.17 7.88 -12.88
C HIS B 156 13.21 9.05 -12.69
N VAL B 157 11.97 8.86 -13.12
CA VAL B 157 10.97 9.93 -13.01
C VAL B 157 9.61 9.39 -12.58
N GLU B 158 8.81 10.25 -11.97
CA GLU B 158 7.45 9.90 -11.56
C GLU B 158 6.47 10.98 -12.02
N LEU B 159 5.58 10.61 -12.94
CA LEU B 159 4.64 11.57 -13.50
C LEU B 159 3.27 11.46 -12.85
N SER B 160 2.63 12.61 -12.63
CA SER B 160 1.30 12.66 -12.03
C SER B 160 0.59 13.95 -12.42
N TRP B 161 -0.73 13.88 -12.56
CA TRP B 161 -1.53 15.03 -12.94
C TRP B 161 -2.15 15.72 -11.72
N TRP B 162 -2.45 17.00 -11.86
CA TRP B 162 -3.02 17.78 -10.76
C TRP B 162 -4.12 18.71 -11.25
N VAL B 163 -5.37 18.35 -10.96
CA VAL B 163 -6.51 19.17 -11.33
C VAL B 163 -6.95 20.04 -10.17
N ASN B 164 -6.81 21.36 -10.33
CA ASN B 164 -7.17 22.31 -9.28
C ASN B 164 -6.37 22.11 -8.00
N GLY B 165 -5.08 21.80 -8.17
CA GLY B 165 -4.18 21.64 -7.04
C GLY B 165 -4.26 20.27 -6.38
N LYS B 166 -5.24 19.47 -6.79
CA LYS B 166 -5.42 18.14 -6.24
C LYS B 166 -4.99 17.07 -7.24
N GLU B 167 -4.16 16.13 -6.79
CA GLU B 167 -3.70 15.05 -7.66
C GLU B 167 -4.86 14.16 -8.08
N VAL B 168 -4.86 13.76 -9.35
CA VAL B 168 -5.92 12.93 -9.88
C VAL B 168 -5.40 11.62 -10.47
N HIS B 169 -6.14 10.54 -10.25
CA HIS B 169 -5.78 9.25 -10.80
C HIS B 169 -6.87 8.77 -11.77
N SER B 170 -7.91 9.57 -11.90
CA SER B 170 -9.03 9.23 -12.78
C SER B 170 -8.85 9.86 -14.17
N GLY B 171 -8.54 9.03 -15.15
CA GLY B 171 -8.36 9.49 -16.51
C GLY B 171 -6.91 9.61 -16.91
N VAL B 172 -6.02 9.40 -15.95
CA VAL B 172 -4.58 9.49 -16.20
C VAL B 172 -4.05 8.22 -16.85
N SER B 173 -3.46 8.38 -18.04
CA SER B 173 -2.87 7.25 -18.76
C SER B 173 -1.40 7.53 -19.04
N THR B 174 -0.52 6.90 -18.26
CA THR B 174 0.91 7.11 -18.39
C THR B 174 1.61 5.85 -18.92
N ASP B 175 2.61 6.04 -19.77
CA ASP B 175 3.37 4.93 -20.32
C ASP B 175 4.05 4.12 -19.22
N PRO B 176 4.20 2.81 -19.44
CA PRO B 176 4.84 1.91 -18.47
C PRO B 176 6.28 2.32 -18.17
N GLN B 177 7.11 2.39 -19.20
CA GLN B 177 8.53 2.74 -19.03
C GLN B 177 8.99 3.74 -20.09
N PRO B 178 9.87 4.66 -19.69
CA PRO B 178 10.46 5.64 -20.60
C PRO B 178 11.19 4.98 -21.76
N LEU B 179 11.24 5.66 -22.90
CA LEU B 179 11.90 5.11 -24.08
C LEU B 179 13.12 5.93 -24.45
N LYS B 180 14.19 5.24 -24.85
CA LYS B 180 15.40 5.91 -25.30
C LYS B 180 15.13 6.74 -26.56
N GLU B 181 15.44 8.03 -26.49
CA GLU B 181 15.28 8.91 -27.64
C GLU B 181 16.15 8.39 -28.79
N GLN B 182 17.24 7.73 -28.44
CA GLN B 182 18.11 7.09 -29.43
C GLN B 182 18.53 5.71 -28.92
N PRO B 183 17.72 4.69 -29.19
CA PRO B 183 17.98 3.32 -28.73
C PRO B 183 19.36 2.83 -29.16
N ALA B 184 19.83 3.30 -30.31
CA ALA B 184 21.13 2.90 -30.82
C ALA B 184 22.24 3.26 -29.84
N LEU B 185 22.24 4.50 -29.38
CA LEU B 185 23.26 4.97 -28.44
C LEU B 185 23.18 4.19 -27.13
N ASN B 186 24.33 3.69 -26.69
CA ASN B 186 24.40 2.92 -25.44
C ASN B 186 23.78 3.69 -24.29
N ASP B 187 24.37 4.83 -23.95
CA ASP B 187 23.86 5.71 -22.91
C ASP B 187 23.02 6.82 -23.51
N SER B 188 21.73 6.56 -23.70
CA SER B 188 20.83 7.52 -24.31
C SER B 188 19.82 8.08 -23.31
N ARG B 189 19.33 9.28 -23.58
CA ARG B 189 18.33 9.90 -22.73
C ARG B 189 16.97 9.25 -22.95
N TYR B 190 16.02 9.53 -22.06
CA TYR B 190 14.71 8.91 -22.13
C TYR B 190 13.60 9.94 -22.31
N CYS B 191 12.41 9.46 -22.65
CA CYS B 191 11.24 10.32 -22.83
C CYS B 191 9.97 9.61 -22.38
N LEU B 192 9.10 10.34 -21.71
CA LEU B 192 7.86 9.77 -21.19
C LEU B 192 6.66 10.62 -21.60
N SER B 193 5.50 9.98 -21.73
CA SER B 193 4.27 10.68 -22.12
C SER B 193 3.10 10.26 -21.25
N SER B 194 2.20 11.20 -20.99
CA SER B 194 1.01 10.91 -20.19
C SER B 194 -0.23 11.56 -20.83
N ARG B 195 -1.41 11.06 -20.46
CA ARG B 195 -2.65 11.53 -21.05
C ARG B 195 -3.77 11.66 -20.02
N LEU B 196 -4.16 12.90 -19.74
CA LEU B 196 -5.28 13.16 -18.85
C LEU B 196 -6.55 13.44 -19.64
N ARG B 197 -7.52 12.55 -19.54
CA ARG B 197 -8.76 12.69 -20.31
C ARG B 197 -9.95 13.04 -19.41
N VAL B 198 -10.56 14.19 -19.69
CA VAL B 198 -11.74 14.63 -18.95
C VAL B 198 -12.87 14.97 -19.91
N SER B 199 -14.05 15.23 -19.36
CA SER B 199 -15.22 15.57 -20.18
C SER B 199 -15.00 16.91 -20.87
N ALA B 200 -15.65 17.09 -22.02
CA ALA B 200 -15.53 18.33 -22.78
C ALA B 200 -16.05 19.51 -21.97
N THR B 201 -17.09 19.27 -21.17
CA THR B 201 -17.67 20.32 -20.33
C THR B 201 -16.70 20.78 -19.26
N PHE B 202 -15.78 19.89 -18.88
CA PHE B 202 -14.80 20.21 -17.84
C PHE B 202 -13.65 21.04 -18.40
N TRP B 203 -13.03 20.54 -19.46
CA TRP B 203 -11.91 21.23 -20.10
C TRP B 203 -12.32 22.62 -20.58
N GLN B 204 -13.56 22.74 -21.01
CA GLN B 204 -14.08 24.02 -21.49
C GLN B 204 -14.48 24.93 -20.34
N ASN B 205 -13.57 25.10 -19.38
CA ASN B 205 -13.81 25.94 -18.22
C ASN B 205 -12.52 26.63 -17.76
N PRO B 206 -12.41 27.94 -18.00
CA PRO B 206 -11.23 28.73 -17.62
C PRO B 206 -10.91 28.62 -16.14
N ARG B 207 -11.92 28.32 -15.32
CA ARG B 207 -11.73 28.18 -13.88
C ARG B 207 -10.89 26.95 -13.55
N ASN B 208 -11.07 25.89 -14.31
CA ASN B 208 -10.33 24.65 -14.08
C ASN B 208 -8.85 24.77 -14.40
N HIS B 209 -8.02 24.21 -13.51
CA HIS B 209 -6.57 24.26 -13.68
C HIS B 209 -6.00 22.86 -13.90
N PHE B 210 -5.09 22.75 -14.85
CA PHE B 210 -4.47 21.46 -15.17
C PHE B 210 -2.96 21.59 -15.18
N ARG B 211 -2.27 20.64 -14.53
CA ARG B 211 -0.82 20.66 -14.46
C ARG B 211 -0.23 19.26 -14.41
N CYS B 212 0.80 19.03 -15.22
CA CYS B 212 1.50 17.75 -15.24
C CYS B 212 2.80 17.86 -14.45
N GLN B 213 2.90 17.10 -13.38
CA GLN B 213 4.08 17.12 -12.52
C GLN B 213 4.96 15.90 -12.76
N VAL B 214 6.26 16.14 -12.96
CA VAL B 214 7.21 15.06 -13.19
C VAL B 214 8.36 15.09 -12.19
N GLN B 215 8.29 14.24 -11.19
CA GLN B 215 9.33 14.16 -10.17
C GLN B 215 10.58 13.49 -10.74
N PHE B 216 11.67 14.24 -10.78
CA PHE B 216 12.94 13.70 -11.28
C PHE B 216 13.92 13.43 -10.15
N TYR B 217 14.63 12.31 -10.25
CA TYR B 217 15.63 11.94 -9.25
C TYR B 217 17.03 11.97 -9.85
N GLY B 218 17.84 12.92 -9.41
CA GLY B 218 19.18 13.08 -9.93
C GLY B 218 20.26 13.02 -8.87
N LEU B 219 21.28 13.85 -9.03
CA LEU B 219 22.43 13.85 -8.13
C LEU B 219 22.05 14.34 -6.73
N SER B 220 22.80 13.90 -5.73
CA SER B 220 22.58 14.32 -4.36
C SER B 220 23.53 15.46 -4.00
N GLU B 221 23.40 15.98 -2.78
CA GLU B 221 24.23 17.08 -2.31
C GLU B 221 25.67 16.62 -2.08
N ASN B 222 25.85 15.33 -1.83
CA ASN B 222 27.17 14.77 -1.61
C ASN B 222 27.97 14.64 -2.90
N ASP B 223 27.27 14.71 -4.02
CA ASP B 223 27.92 14.59 -5.33
C ASP B 223 28.37 15.95 -5.85
N GLU B 224 29.69 16.12 -5.99
CA GLU B 224 30.26 17.36 -6.48
C GLU B 224 29.84 17.63 -7.92
N TRP B 225 29.88 18.90 -8.31
CA TRP B 225 29.52 19.29 -9.67
C TRP B 225 30.34 20.47 -10.16
N THR B 226 31.07 20.26 -11.25
CA THR B 226 31.89 21.33 -11.85
C THR B 226 31.79 21.28 -13.37
N GLN B 227 30.87 22.06 -13.92
CA GLN B 227 30.66 22.09 -15.37
C GLN B 227 30.31 23.49 -15.85
N ASP B 228 30.56 24.48 -15.01
CA ASP B 228 30.23 25.87 -15.35
C ASP B 228 28.80 25.98 -15.86
N ARG B 229 27.91 25.22 -15.23
CA ARG B 229 26.52 25.13 -15.66
C ARG B 229 25.65 24.63 -14.52
N ALA B 230 24.35 24.89 -14.60
CA ALA B 230 23.39 24.36 -13.63
C ALA B 230 23.57 22.85 -13.51
N LYS B 231 23.32 22.32 -12.31
CA LYS B 231 23.52 20.90 -12.06
C LYS B 231 22.21 20.13 -11.97
N PRO B 232 22.22 18.87 -12.44
CA PRO B 232 21.07 17.96 -12.38
C PRO B 232 20.89 17.41 -10.96
N VAL B 233 19.75 17.71 -10.35
CA VAL B 233 19.48 17.23 -8.99
C VAL B 233 18.06 16.67 -8.90
N THR B 234 17.73 16.12 -7.73
CA THR B 234 16.38 15.61 -7.49
C THR B 234 15.39 16.77 -7.44
N GLN B 235 14.84 17.13 -8.58
CA GLN B 235 13.97 18.29 -8.69
C GLN B 235 12.62 17.93 -9.31
N ILE B 236 11.72 18.91 -9.34
CA ILE B 236 10.39 18.72 -9.91
C ILE B 236 10.16 19.67 -11.09
N VAL B 237 9.78 19.11 -12.23
CA VAL B 237 9.48 19.91 -13.42
C VAL B 237 8.02 19.74 -13.79
N SER B 238 7.32 20.86 -13.92
CA SER B 238 5.88 20.83 -14.20
C SER B 238 5.51 21.67 -15.42
N ALA B 239 4.27 21.51 -15.87
CA ALA B 239 3.74 22.28 -16.99
C ALA B 239 2.22 22.37 -16.86
N GLU B 240 1.70 23.60 -16.91
CA GLU B 240 0.27 23.83 -16.72
C GLU B 240 -0.39 24.42 -17.96
N ALA B 241 -1.72 24.43 -17.96
CA ALA B 241 -2.48 24.99 -19.07
C ALA B 241 -3.96 25.13 -18.70
N TRP B 242 -4.39 26.37 -18.48
CA TRP B 242 -5.78 26.65 -18.13
C TRP B 242 -6.72 26.22 -19.25
N GLY B 243 -7.89 25.71 -18.88
CA GLY B 243 -8.88 25.30 -19.86
C GLY B 243 -9.52 26.49 -20.53
N ARG B 244 -10.05 26.27 -21.73
CA ARG B 244 -10.73 27.33 -22.47
C ARG B 244 -12.06 26.86 -23.03
N ALA B 245 -13.05 27.73 -22.98
CA ALA B 245 -14.39 27.40 -23.45
C ALA B 245 -14.48 27.41 -24.98
N ASP B 246 -15.68 27.51 -25.51
CA ASP B 246 -15.91 27.54 -26.94
C ASP B 246 -15.30 26.32 -27.62
N HIS C 4 -4.39 -11.43 -54.86
CA HIS C 4 -3.73 -10.13 -54.93
C HIS C 4 -4.74 -9.01 -55.12
N MET C 5 -5.27 -8.50 -54.02
CA MET C 5 -6.26 -7.43 -54.06
C MET C 5 -5.65 -6.08 -53.67
N GLY C 6 -4.64 -6.12 -52.80
CA GLY C 6 -3.99 -4.91 -52.33
C GLY C 6 -2.49 -4.94 -52.49
N VAL C 7 -1.81 -4.01 -51.81
CA VAL C 7 -0.36 -3.92 -51.88
C VAL C 7 0.30 -5.17 -51.29
N SER C 8 1.33 -5.66 -51.97
CA SER C 8 2.06 -6.84 -51.51
C SER C 8 3.56 -6.69 -51.76
N GLN C 9 4.37 -7.19 -50.84
CA GLN C 9 5.82 -7.12 -50.96
C GLN C 9 6.44 -8.52 -50.89
N SER C 10 7.68 -8.63 -51.34
CA SER C 10 8.38 -9.91 -51.32
C SER C 10 9.88 -9.71 -51.21
N PRO C 11 10.53 -10.46 -50.31
CA PRO C 11 9.85 -11.38 -49.40
C PRO C 11 9.27 -10.66 -48.20
N ARG C 12 8.42 -11.34 -47.44
CA ARG C 12 7.87 -10.77 -46.21
C ARG C 12 8.92 -10.82 -45.10
N TYR C 13 9.78 -11.83 -45.17
CA TYR C 13 10.88 -11.98 -44.21
C TYR C 13 12.18 -12.26 -44.96
N LYS C 14 13.28 -11.73 -44.44
CA LYS C 14 14.58 -11.93 -45.06
C LYS C 14 15.73 -11.87 -44.06
N VAL C 15 16.50 -12.96 -44.00
CA VAL C 15 17.68 -13.01 -43.15
C VAL C 15 18.94 -12.99 -43.99
N ALA C 16 19.69 -11.90 -43.91
CA ALA C 16 20.89 -11.73 -44.72
C ALA C 16 22.16 -11.71 -43.87
N LYS C 17 23.27 -12.14 -44.47
CA LYS C 17 24.56 -12.14 -43.78
C LYS C 17 25.19 -10.76 -43.88
N ARG C 18 25.77 -10.30 -42.77
CA ARG C 18 26.39 -8.98 -42.72
C ARG C 18 27.39 -8.78 -43.85
N GLY C 19 27.06 -7.87 -44.77
CA GLY C 19 27.91 -7.58 -45.89
C GLY C 19 27.39 -8.16 -47.20
N GLN C 20 26.20 -8.75 -47.14
CA GLN C 20 25.59 -9.35 -48.32
C GLN C 20 24.50 -8.45 -48.88
N ASP C 21 24.33 -8.48 -50.20
CA ASP C 21 23.35 -7.62 -50.87
C ASP C 21 21.96 -8.24 -50.83
N VAL C 22 20.95 -7.38 -50.81
CA VAL C 22 19.55 -7.83 -50.78
C VAL C 22 18.69 -7.03 -51.76
N ALA C 23 17.53 -7.57 -52.09
CA ALA C 23 16.60 -6.92 -53.01
C ALA C 23 15.16 -7.07 -52.55
N LEU C 24 14.48 -5.95 -52.36
CA LEU C 24 13.10 -5.96 -51.90
C LEU C 24 12.14 -5.50 -53.01
N ARG C 25 11.12 -6.29 -53.27
CA ARG C 25 10.16 -5.97 -54.32
C ARG C 25 8.85 -5.44 -53.76
N CYS C 26 8.21 -4.55 -54.49
CA CYS C 26 6.93 -3.98 -54.08
C CYS C 26 5.98 -3.88 -55.27
N ASP C 27 4.79 -4.46 -55.12
CA ASP C 27 3.79 -4.45 -56.18
C ASP C 27 2.52 -3.74 -55.74
N PRO C 28 2.53 -2.39 -55.78
CA PRO C 28 1.39 -1.56 -55.39
C PRO C 28 0.21 -1.77 -56.33
N ILE C 29 -0.87 -1.03 -56.09
CA ILE C 29 -2.04 -1.07 -56.97
C ILE C 29 -1.69 -0.46 -58.32
N SER C 30 -2.05 -1.15 -59.39
CA SER C 30 -1.70 -0.71 -60.75
C SER C 30 -2.34 0.62 -61.11
N GLY C 31 -3.19 1.13 -60.22
CA GLY C 31 -3.88 2.38 -60.48
C GLY C 31 -3.27 3.58 -59.76
N HIS C 32 -2.44 3.32 -58.76
CA HIS C 32 -1.83 4.39 -57.99
C HIS C 32 -0.61 4.99 -58.68
N VAL C 33 -0.38 6.28 -58.46
CA VAL C 33 0.74 6.98 -59.06
C VAL C 33 1.91 7.12 -58.09
N SER C 34 1.58 7.50 -56.85
CA SER C 34 2.60 7.72 -55.82
C SER C 34 3.04 6.41 -55.19
N LEU C 35 4.34 6.30 -54.91
CA LEU C 35 4.91 5.12 -54.28
C LEU C 35 5.94 5.54 -53.24
N PHE C 36 5.72 5.16 -51.98
CA PHE C 36 6.59 5.59 -50.89
C PHE C 36 7.42 4.44 -50.33
N TRP C 37 8.44 4.78 -49.55
CA TRP C 37 9.26 3.80 -48.86
C TRP C 37 9.60 4.31 -47.46
N TYR C 38 9.29 3.49 -46.45
CA TYR C 38 9.53 3.87 -45.06
C TYR C 38 10.40 2.84 -44.34
N GLN C 39 10.97 3.26 -43.22
CA GLN C 39 11.85 2.38 -42.44
C GLN C 39 11.47 2.39 -40.96
N GLN C 40 11.13 1.23 -40.43
CA GLN C 40 10.78 1.10 -39.02
C GLN C 40 11.80 0.25 -38.27
N ALA C 41 12.44 0.84 -37.28
CA ALA C 41 13.44 0.14 -36.48
C ALA C 41 13.42 0.61 -35.04
N LEU C 42 13.75 -0.30 -34.12
CA LEU C 42 13.81 0.02 -32.70
C LEU C 42 12.47 0.51 -32.17
N GLY C 43 11.40 0.16 -32.88
CA GLY C 43 10.06 0.53 -32.47
C GLY C 43 9.76 2.01 -32.61
N GLN C 44 10.24 2.60 -33.70
CA GLN C 44 10.01 4.01 -33.97
C GLN C 44 9.11 4.23 -35.19
N GLY C 45 8.64 5.46 -35.35
CA GLY C 45 7.76 5.81 -36.46
C GLY C 45 8.40 5.59 -37.80
N PRO C 46 7.57 5.43 -38.85
CA PRO C 46 8.04 5.21 -40.22
C PRO C 46 8.90 6.35 -40.72
N GLU C 47 10.21 6.12 -40.80
CA GLU C 47 11.13 7.14 -41.31
C GLU C 47 11.15 7.13 -42.83
N PHE C 48 10.81 8.27 -43.44
CA PHE C 48 10.77 8.40 -44.88
C PHE C 48 12.11 8.01 -45.52
N LEU C 49 12.04 7.39 -46.69
CA LEU C 49 13.23 6.98 -47.41
C LEU C 49 13.31 7.65 -48.78
N THR C 50 12.32 7.37 -49.63
CA THR C 50 12.28 7.96 -50.96
C THR C 50 10.86 8.03 -51.49
N TYR C 51 10.68 8.73 -52.62
CA TYR C 51 9.36 8.92 -53.20
C TYR C 51 9.38 8.68 -54.71
N PHE C 52 8.34 8.03 -55.21
CA PHE C 52 8.22 7.75 -56.64
C PHE C 52 6.96 8.37 -57.24
N GLN C 53 7.09 8.88 -58.46
CA GLN C 53 5.97 9.47 -59.17
C GLN C 53 6.04 9.06 -60.64
N ASN C 54 5.42 7.93 -60.97
CA ASN C 54 5.48 7.39 -62.33
C ASN C 54 6.92 7.15 -62.77
N GLU C 55 7.62 6.28 -62.03
CA GLU C 55 9.00 5.93 -62.35
C GLU C 55 9.97 7.06 -62.02
N ALA C 56 9.46 8.16 -61.48
CA ALA C 56 10.29 9.30 -61.15
C ALA C 56 10.60 9.40 -59.65
N GLN C 57 11.83 9.09 -59.29
CA GLN C 57 12.27 9.17 -57.90
C GLN C 57 12.63 10.60 -57.55
N LEU C 58 11.62 11.42 -57.30
CA LEU C 58 11.81 12.85 -57.04
C LEU C 58 12.76 13.10 -55.87
N ASP C 59 12.36 12.70 -54.67
CA ASP C 59 13.16 12.95 -53.47
C ASP C 59 13.79 11.68 -52.92
N LYS C 60 15.11 11.72 -52.72
CA LYS C 60 15.84 10.59 -52.17
C LYS C 60 16.49 10.98 -50.85
N SER C 61 16.08 12.13 -50.32
CA SER C 61 16.67 12.68 -49.10
C SER C 61 16.60 11.68 -47.93
N GLY C 62 15.46 11.01 -47.79
CA GLY C 62 15.26 10.05 -46.73
C GLY C 62 16.28 8.92 -46.77
N LEU C 63 16.76 8.59 -47.96
CA LEU C 63 17.74 7.53 -48.13
C LEU C 63 19.05 7.89 -47.44
N PRO C 64 19.44 7.09 -46.44
CA PRO C 64 20.67 7.30 -45.66
C PRO C 64 21.91 7.28 -46.54
N SER C 65 22.65 6.18 -46.50
CA SER C 65 23.86 6.04 -47.31
C SER C 65 23.51 5.85 -48.78
N ASP C 66 24.52 5.96 -49.65
CA ASP C 66 24.32 5.79 -51.08
C ASP C 66 24.10 4.32 -51.41
N ARG C 67 24.11 3.47 -50.39
CA ARG C 67 23.87 2.05 -50.57
C ARG C 67 22.40 1.79 -50.90
N PHE C 68 21.54 2.72 -50.51
CA PHE C 68 20.11 2.58 -50.72
C PHE C 68 19.68 3.21 -52.05
N PHE C 69 19.19 2.37 -52.96
CA PHE C 69 18.72 2.84 -54.25
C PHE C 69 17.52 2.03 -54.73
N ALA C 70 16.38 2.71 -54.89
CA ALA C 70 15.15 2.06 -55.34
C ALA C 70 14.84 2.47 -56.78
N GLU C 71 14.29 1.53 -57.55
CA GLU C 71 13.94 1.79 -58.93
C GLU C 71 12.46 1.53 -59.18
N ARG C 72 12.00 1.89 -60.38
CA ARG C 72 10.61 1.70 -60.77
C ARG C 72 10.45 1.96 -62.27
N PRO C 73 11.05 1.11 -63.10
CA PRO C 73 11.09 1.28 -64.57
C PRO C 73 9.72 1.55 -65.17
N GLU C 74 8.85 0.54 -65.19
CA GLU C 74 7.52 0.67 -65.77
C GLU C 74 6.65 1.67 -65.02
N GLY C 75 7.19 2.25 -63.96
CA GLY C 75 6.45 3.21 -63.17
C GLY C 75 5.38 2.54 -62.33
N SER C 76 5.51 1.23 -62.14
CA SER C 76 4.56 0.46 -61.35
C SER C 76 5.27 -0.25 -60.20
N VAL C 77 5.87 -1.39 -60.48
CA VAL C 77 6.59 -2.16 -59.47
C VAL C 77 7.90 -1.49 -59.11
N SER C 78 8.13 -1.31 -57.81
CA SER C 78 9.36 -0.70 -57.32
C SER C 78 10.26 -1.75 -56.65
N THR C 79 11.56 -1.50 -56.69
CA THR C 79 12.52 -2.44 -56.11
C THR C 79 13.65 -1.70 -55.39
N LEU C 80 13.71 -1.86 -54.07
CA LEU C 80 14.76 -1.25 -53.27
C LEU C 80 15.85 -2.25 -52.94
N LYS C 81 17.09 -1.88 -53.22
CA LYS C 81 18.23 -2.76 -52.98
C LYS C 81 19.16 -2.19 -51.92
N ILE C 82 19.96 -3.07 -51.32
CA ILE C 82 20.93 -2.66 -50.30
C ILE C 82 22.27 -3.35 -50.52
N GLN C 83 23.33 -2.55 -50.64
CA GLN C 83 24.67 -3.08 -50.87
C GLN C 83 25.37 -3.38 -49.54
N ARG C 84 25.77 -4.64 -49.37
CA ARG C 84 26.46 -5.07 -48.15
C ARG C 84 25.70 -4.64 -46.90
N THR C 85 24.61 -5.35 -46.59
CA THR C 85 23.78 -5.02 -45.44
C THR C 85 24.57 -5.04 -44.13
N GLN C 86 24.53 -3.94 -43.40
CA GLN C 86 25.19 -3.85 -42.10
C GLN C 86 24.22 -4.20 -40.97
N GLN C 87 24.75 -4.27 -39.75
CA GLN C 87 23.97 -4.64 -38.58
C GLN C 87 22.82 -3.65 -38.34
N GLU C 88 23.07 -2.39 -38.66
CA GLU C 88 22.08 -1.34 -38.43
C GLU C 88 20.99 -1.31 -39.50
N ASP C 89 21.09 -2.23 -40.46
CA ASP C 89 20.11 -2.32 -41.53
C ASP C 89 18.92 -3.18 -41.11
N SER C 90 19.03 -3.83 -39.96
CA SER C 90 17.97 -4.68 -39.44
C SER C 90 16.72 -3.87 -39.13
N ALA C 91 15.71 -3.98 -39.98
CA ALA C 91 14.46 -3.24 -39.81
C ALA C 91 13.38 -3.76 -40.74
N VAL C 92 12.19 -3.18 -40.63
CA VAL C 92 11.07 -3.53 -41.50
C VAL C 92 10.79 -2.40 -42.47
N TYR C 93 10.98 -2.67 -43.77
CA TYR C 93 10.79 -1.66 -44.80
C TYR C 93 9.38 -1.72 -45.37
N LEU C 94 8.70 -0.57 -45.38
CA LEU C 94 7.31 -0.51 -45.82
C LEU C 94 7.18 0.12 -47.21
N CYS C 95 6.03 -0.11 -47.83
CA CYS C 95 5.73 0.47 -49.14
C CYS C 95 4.29 0.96 -49.19
N ALA C 96 4.08 2.14 -49.76
CA ALA C 96 2.76 2.72 -49.83
C ALA C 96 2.40 3.18 -51.24
N SER C 97 1.11 3.25 -51.52
CA SER C 97 0.61 3.71 -52.81
C SER C 97 -0.66 4.53 -52.64
N SER C 98 -0.71 5.68 -53.31
CA SER C 98 -1.86 6.57 -53.20
C SER C 98 -2.18 7.24 -54.53
N LEU C 99 -3.45 7.63 -54.70
CA LEU C 99 -3.88 8.32 -55.89
C LEU C 99 -3.13 9.63 -56.06
N GLY C 100 -3.11 10.42 -54.98
CA GLY C 100 -2.39 11.68 -54.97
C GLY C 100 -1.49 11.78 -53.75
N GLN C 101 -0.63 12.79 -53.73
CA GLN C 101 0.30 12.98 -52.62
C GLN C 101 -0.44 13.42 -51.35
N ALA C 102 -1.62 14.01 -51.54
CA ALA C 102 -2.41 14.48 -50.41
C ALA C 102 -3.49 13.48 -50.02
N TYR C 103 -3.65 12.44 -50.84
CA TYR C 103 -4.66 11.42 -50.58
C TYR C 103 -4.18 10.37 -49.58
N GLU C 104 -5.10 9.52 -49.14
CA GLU C 104 -4.80 8.46 -48.18
C GLU C 104 -3.80 7.47 -48.77
N GLN C 105 -3.03 6.82 -47.90
CA GLN C 105 -2.01 5.89 -48.34
C GLN C 105 -2.41 4.44 -48.09
N TYR C 106 -1.91 3.54 -48.91
CA TYR C 106 -2.17 2.11 -48.77
C TYR C 106 -0.86 1.35 -48.59
N PHE C 107 -0.63 0.85 -47.38
CA PHE C 107 0.61 0.17 -47.05
C PHE C 107 0.56 -1.33 -47.35
N GLY C 108 1.73 -1.92 -47.55
CA GLY C 108 1.84 -3.34 -47.78
C GLY C 108 2.36 -4.06 -46.55
N PRO C 109 2.48 -5.39 -46.63
CA PRO C 109 2.95 -6.22 -45.51
C PRO C 109 4.32 -5.77 -45.00
N GLY C 110 5.13 -5.19 -45.88
CA GLY C 110 6.47 -4.77 -45.52
C GLY C 110 7.44 -5.92 -45.55
N THR C 111 8.73 -5.62 -45.38
CA THR C 111 9.76 -6.65 -45.39
C THR C 111 10.57 -6.63 -44.09
N ARG C 112 10.48 -7.73 -43.35
CA ARG C 112 11.19 -7.84 -42.07
C ARG C 112 12.62 -8.30 -42.29
N LEU C 113 13.54 -7.34 -42.36
CA LEU C 113 14.94 -7.64 -42.62
C LEU C 113 15.75 -7.79 -41.33
N THR C 114 16.64 -8.77 -41.31
CA THR C 114 17.52 -9.00 -40.17
C THR C 114 18.93 -9.34 -40.64
N VAL C 115 19.89 -8.48 -40.28
CA VAL C 115 21.28 -8.68 -40.68
C VAL C 115 22.10 -9.28 -39.55
N THR C 116 22.78 -10.39 -39.84
CA THR C 116 23.58 -11.08 -38.83
C THR C 116 24.98 -11.41 -39.38
N GLU C 117 25.98 -11.34 -38.50
CA GLU C 117 27.35 -11.62 -38.88
C GLU C 117 27.48 -12.93 -39.65
N ASP C 118 26.84 -13.98 -39.14
CA ASP C 118 26.91 -15.29 -39.77
C ASP C 118 25.53 -15.95 -39.80
N LEU C 119 25.26 -16.70 -40.86
CA LEU C 119 23.98 -17.40 -41.01
C LEU C 119 23.86 -18.55 -40.03
N LYS C 120 24.95 -18.88 -39.35
CA LYS C 120 24.96 -19.96 -38.37
C LYS C 120 24.17 -19.60 -37.12
N ASN C 121 23.85 -18.31 -36.97
CA ASN C 121 23.08 -17.84 -35.84
C ASN C 121 21.58 -18.09 -35.99
N VAL C 122 21.20 -18.64 -37.14
CA VAL C 122 19.79 -18.91 -37.43
C VAL C 122 19.36 -20.24 -36.82
N PHE C 123 18.24 -20.22 -36.10
CA PHE C 123 17.74 -21.42 -35.44
C PHE C 123 16.21 -21.50 -35.50
N PRO C 124 15.68 -22.71 -35.74
CA PRO C 124 14.24 -22.97 -35.74
C PRO C 124 13.66 -22.90 -34.32
N PRO C 125 12.35 -22.63 -34.21
CA PRO C 125 11.68 -22.54 -32.91
C PRO C 125 11.50 -23.90 -32.26
N GLU C 126 11.41 -23.91 -30.93
CA GLU C 126 11.13 -25.14 -30.18
C GLU C 126 9.75 -25.05 -29.56
N VAL C 127 8.75 -25.59 -30.26
CA VAL C 127 7.36 -25.45 -29.84
C VAL C 127 6.91 -26.58 -28.91
N ALA C 128 6.26 -26.19 -27.81
CA ALA C 128 5.71 -27.15 -26.85
C ALA C 128 4.41 -26.59 -26.27
N VAL C 129 3.47 -27.48 -25.97
CA VAL C 129 2.18 -27.07 -25.46
C VAL C 129 1.91 -27.60 -24.05
N PHE C 130 1.45 -26.71 -23.17
CA PHE C 130 1.13 -27.09 -21.80
C PHE C 130 -0.39 -27.13 -21.58
N GLU C 131 -0.84 -28.11 -20.81
CA GLU C 131 -2.26 -28.26 -20.53
C GLU C 131 -2.71 -27.35 -19.40
N PRO C 132 -4.00 -26.99 -19.37
CA PRO C 132 -4.57 -26.12 -18.33
C PRO C 132 -4.43 -26.74 -16.94
N SER C 133 -4.44 -25.91 -15.91
CA SER C 133 -4.32 -26.39 -14.53
C SER C 133 -5.69 -26.57 -13.89
N GLU C 134 -5.81 -27.58 -13.03
CA GLU C 134 -7.06 -27.86 -12.34
C GLU C 134 -7.47 -26.69 -11.44
N ALA C 135 -6.48 -25.96 -10.93
CA ALA C 135 -6.73 -24.81 -10.10
C ALA C 135 -7.49 -23.73 -10.87
N GLU C 136 -7.17 -23.62 -12.16
CA GLU C 136 -7.83 -22.65 -13.03
C GLU C 136 -9.23 -23.11 -13.40
N ILE C 137 -9.37 -24.40 -13.68
CA ILE C 137 -10.65 -24.97 -14.06
C ILE C 137 -11.64 -24.93 -12.90
N SER C 138 -11.14 -25.13 -11.69
CA SER C 138 -11.98 -25.11 -10.49
C SER C 138 -12.25 -23.69 -10.02
N HIS C 139 -11.68 -22.72 -10.74
CA HIS C 139 -11.84 -21.31 -10.37
C HIS C 139 -12.62 -20.54 -11.43
N THR C 140 -11.99 -20.30 -12.57
CA THR C 140 -12.61 -19.53 -13.64
C THR C 140 -13.51 -20.39 -14.53
N GLN C 141 -13.48 -21.70 -14.30
CA GLN C 141 -14.24 -22.64 -15.12
C GLN C 141 -13.83 -22.54 -16.58
N LYS C 142 -12.64 -22.01 -16.82
CA LYS C 142 -12.09 -21.91 -18.17
C LYS C 142 -10.72 -22.57 -18.25
N ALA C 143 -10.38 -23.06 -19.44
CA ALA C 143 -9.10 -23.74 -19.65
C ALA C 143 -8.20 -22.93 -20.57
N THR C 144 -6.96 -22.72 -20.15
CA THR C 144 -6.00 -21.97 -20.95
C THR C 144 -4.80 -22.84 -21.34
N LEU C 145 -4.53 -22.91 -22.63
CA LEU C 145 -3.37 -23.65 -23.13
C LEU C 145 -2.23 -22.70 -23.46
N VAL C 146 -1.02 -23.07 -23.05
CA VAL C 146 0.15 -22.22 -23.27
C VAL C 146 1.12 -22.84 -24.27
N CYS C 147 1.43 -22.09 -25.33
CA CYS C 147 2.39 -22.53 -26.33
C CYS C 147 3.68 -21.72 -26.20
N LEU C 148 4.81 -22.40 -26.27
CA LEU C 148 6.11 -21.74 -26.12
C LEU C 148 7.04 -22.04 -27.29
N ALA C 149 7.58 -20.98 -27.89
CA ALA C 149 8.57 -21.12 -28.96
C ALA C 149 9.88 -20.47 -28.54
N THR C 150 10.90 -21.29 -28.30
CA THR C 150 12.18 -20.79 -27.80
C THR C 150 13.34 -21.14 -28.72
N GLY C 151 14.45 -20.45 -28.54
CA GLY C 151 15.66 -20.72 -29.27
C GLY C 151 15.52 -20.55 -30.78
N PHE C 152 14.86 -19.48 -31.20
CA PHE C 152 14.71 -19.22 -32.63
C PHE C 152 15.27 -17.85 -33.01
N TYR C 153 15.98 -17.80 -34.12
CA TYR C 153 16.60 -16.57 -34.59
C TYR C 153 16.70 -16.59 -36.11
N PRO C 154 16.36 -15.46 -36.76
CA PRO C 154 15.86 -14.24 -36.13
C PRO C 154 14.43 -14.40 -35.62
N ASP C 155 13.83 -13.30 -35.19
CA ASP C 155 12.47 -13.33 -34.65
C ASP C 155 11.41 -13.33 -35.75
N HIS C 156 11.61 -14.17 -36.77
CA HIS C 156 10.65 -14.28 -37.87
C HIS C 156 9.78 -15.51 -37.70
N VAL C 157 8.71 -15.39 -36.91
CA VAL C 157 7.80 -16.49 -36.67
C VAL C 157 6.34 -16.04 -36.74
N GLU C 158 5.46 -16.99 -37.05
CA GLU C 158 4.03 -16.72 -37.10
C GLU C 158 3.24 -17.80 -36.36
N LEU C 159 2.83 -17.49 -35.14
CA LEU C 159 2.11 -18.45 -34.31
C LEU C 159 0.62 -18.48 -34.65
N SER C 160 0.08 -19.68 -34.80
CA SER C 160 -1.34 -19.85 -35.12
C SER C 160 -1.90 -21.11 -34.48
N TRP C 161 -3.04 -20.96 -33.81
CA TRP C 161 -3.70 -22.10 -33.16
C TRP C 161 -4.62 -22.84 -34.10
N TRP C 162 -4.62 -24.17 -33.99
CA TRP C 162 -5.45 -25.00 -34.85
C TRP C 162 -6.18 -26.06 -34.03
N VAL C 163 -7.51 -26.01 -34.05
CA VAL C 163 -8.33 -26.97 -33.33
C VAL C 163 -9.16 -27.81 -34.30
N ASN C 164 -8.86 -29.09 -34.38
CA ASN C 164 -9.59 -30.02 -35.22
C ASN C 164 -9.50 -29.66 -36.71
N GLY C 165 -8.31 -29.29 -37.15
CA GLY C 165 -8.07 -28.98 -38.55
C GLY C 165 -8.46 -27.57 -38.95
N LYS C 166 -9.13 -26.87 -38.05
CA LYS C 166 -9.57 -25.50 -38.32
C LYS C 166 -8.77 -24.47 -37.54
N GLU C 167 -8.33 -23.42 -38.23
CA GLU C 167 -7.60 -22.33 -37.59
C GLU C 167 -8.56 -21.42 -36.84
N VAL C 168 -8.34 -21.29 -35.54
CA VAL C 168 -9.18 -20.45 -34.70
C VAL C 168 -8.57 -19.06 -34.51
N HIS C 169 -9.43 -18.05 -34.41
CA HIS C 169 -8.99 -16.67 -34.23
C HIS C 169 -9.58 -16.08 -32.95
N SER C 170 -10.59 -16.74 -32.41
CA SER C 170 -11.26 -16.27 -31.20
C SER C 170 -10.71 -16.94 -29.95
N GLY C 171 -10.32 -16.12 -28.96
CA GLY C 171 -9.80 -16.64 -27.71
C GLY C 171 -8.29 -16.72 -27.69
N VAL C 172 -7.65 -16.34 -28.80
CA VAL C 172 -6.20 -16.40 -28.90
C VAL C 172 -5.56 -15.11 -28.39
N SER C 173 -4.56 -15.26 -27.53
CA SER C 173 -3.84 -14.11 -26.98
C SER C 173 -2.34 -14.31 -27.11
N THR C 174 -1.80 -14.03 -28.30
CA THR C 174 -0.38 -14.20 -28.56
C THR C 174 0.39 -12.92 -28.26
N ASP C 175 1.66 -13.08 -27.88
CA ASP C 175 2.53 -11.95 -27.59
C ASP C 175 2.84 -11.14 -28.85
N PRO C 176 2.93 -9.81 -28.71
CA PRO C 176 3.22 -8.92 -29.83
C PRO C 176 4.55 -9.27 -30.51
N GLN C 177 5.65 -9.09 -29.80
CA GLN C 177 6.98 -9.35 -30.36
C GLN C 177 7.78 -10.32 -29.50
N PRO C 178 8.52 -11.23 -30.16
CA PRO C 178 9.39 -12.18 -29.46
C PRO C 178 10.42 -11.48 -28.59
N LEU C 179 10.87 -12.14 -27.53
CA LEU C 179 11.83 -11.56 -26.61
C LEU C 179 13.15 -12.31 -26.63
N LYS C 180 14.25 -11.57 -26.60
CA LYS C 180 15.57 -12.18 -26.56
C LYS C 180 15.76 -12.99 -25.29
N GLU C 181 16.28 -14.21 -25.44
CA GLU C 181 16.58 -15.05 -24.29
C GLU C 181 17.74 -14.44 -23.49
N GLN C 182 18.47 -13.54 -24.15
CA GLN C 182 19.58 -12.84 -23.51
C GLN C 182 19.63 -11.40 -24.01
N PRO C 183 18.79 -10.53 -23.43
CA PRO C 183 18.64 -9.13 -23.85
C PRO C 183 19.97 -8.39 -23.94
N ALA C 184 20.85 -8.60 -22.97
CA ALA C 184 22.14 -7.92 -22.94
C ALA C 184 23.02 -8.33 -24.11
N LEU C 185 22.98 -9.61 -24.46
CA LEU C 185 23.81 -10.15 -25.53
C LEU C 185 23.47 -9.52 -26.88
N ASN C 186 24.51 -9.27 -27.67
CA ASN C 186 24.35 -8.67 -28.99
C ASN C 186 23.75 -9.64 -30.00
N ASP C 187 24.11 -10.91 -29.89
CA ASP C 187 23.55 -11.96 -30.73
C ASP C 187 22.84 -13.02 -29.89
N SER C 188 21.56 -12.79 -29.62
CA SER C 188 20.78 -13.70 -28.79
C SER C 188 19.56 -14.25 -29.52
N ARG C 189 19.14 -15.44 -29.13
CA ARG C 189 17.95 -16.06 -29.70
C ARG C 189 16.69 -15.39 -29.18
N TYR C 190 15.54 -15.87 -29.63
CA TYR C 190 14.26 -15.27 -29.22
C TYR C 190 13.32 -16.30 -28.60
N CYS C 191 12.30 -15.80 -27.92
CA CYS C 191 11.28 -16.64 -27.30
C CYS C 191 9.90 -16.02 -27.51
N LEU C 192 8.86 -16.85 -27.49
CA LEU C 192 7.50 -16.39 -27.72
C LEU C 192 6.49 -17.26 -26.98
N SER C 193 5.33 -16.68 -26.69
CA SER C 193 4.27 -17.42 -25.99
C SER C 193 2.88 -16.99 -26.46
N SER C 194 1.92 -17.88 -26.29
CA SER C 194 0.53 -17.59 -26.66
C SER C 194 -0.43 -18.33 -25.72
N ARG C 195 -1.64 -17.79 -25.58
CA ARG C 195 -2.63 -18.36 -24.68
C ARG C 195 -3.99 -18.49 -25.36
N LEU C 196 -4.67 -19.61 -25.12
CA LEU C 196 -5.97 -19.86 -25.72
C LEU C 196 -6.97 -20.31 -24.67
N ARG C 197 -8.00 -19.51 -24.44
CA ARG C 197 -9.04 -19.84 -23.47
C ARG C 197 -10.24 -20.53 -24.11
N VAL C 198 -10.67 -21.62 -23.50
CA VAL C 198 -11.86 -22.34 -23.96
C VAL C 198 -12.70 -22.76 -22.75
N SER C 199 -13.94 -23.14 -23.00
CA SER C 199 -14.82 -23.60 -21.93
C SER C 199 -14.26 -24.87 -21.31
N ALA C 200 -14.40 -24.99 -19.99
CA ALA C 200 -13.91 -26.17 -19.27
C ALA C 200 -14.45 -27.46 -19.90
N THR C 201 -15.73 -27.45 -20.24
CA THR C 201 -16.37 -28.60 -20.84
C THR C 201 -15.72 -28.99 -22.16
N PHE C 202 -15.32 -27.98 -22.94
CA PHE C 202 -14.69 -28.22 -24.23
C PHE C 202 -13.37 -28.96 -24.07
N TRP C 203 -12.52 -28.44 -23.19
CA TRP C 203 -11.23 -29.08 -22.91
C TRP C 203 -11.42 -30.47 -22.33
N GLN C 204 -12.54 -30.67 -21.65
CA GLN C 204 -12.87 -31.96 -21.05
C GLN C 204 -13.41 -32.93 -22.09
N ASN C 205 -13.06 -32.70 -23.35
CA ASN C 205 -13.48 -33.57 -24.44
C ASN C 205 -12.27 -34.17 -25.15
N PRO C 206 -12.02 -35.47 -24.92
CA PRO C 206 -10.88 -36.19 -25.50
C PRO C 206 -10.87 -36.15 -27.02
N ARG C 207 -12.03 -35.93 -27.62
CA ARG C 207 -12.15 -35.88 -29.07
C ARG C 207 -11.53 -34.61 -29.64
N ASN C 208 -11.56 -33.54 -28.85
CA ASN C 208 -11.01 -32.26 -29.27
C ASN C 208 -9.48 -32.29 -29.36
N HIS C 209 -8.95 -31.84 -30.50
CA HIS C 209 -7.51 -31.81 -30.72
C HIS C 209 -7.00 -30.38 -30.76
N PHE C 210 -6.02 -30.07 -29.91
CA PHE C 210 -5.46 -28.73 -29.84
C PHE C 210 -4.00 -28.73 -30.27
N ARG C 211 -3.68 -27.94 -31.28
CA ARG C 211 -2.32 -27.86 -31.80
C ARG C 211 -1.85 -26.42 -31.99
N CYS C 212 -0.66 -26.12 -31.48
CA CYS C 212 -0.07 -24.80 -31.65
C CYS C 212 0.94 -24.82 -32.79
N GLN C 213 0.70 -23.99 -33.81
CA GLN C 213 1.57 -23.95 -34.98
C GLN C 213 2.43 -22.69 -34.99
N VAL C 214 3.65 -22.83 -35.49
CA VAL C 214 4.57 -21.70 -35.58
C VAL C 214 5.32 -21.69 -36.91
N GLN C 215 4.97 -20.74 -37.78
CA GLN C 215 5.61 -20.60 -39.07
C GLN C 215 6.93 -19.85 -38.95
N PHE C 216 8.04 -20.56 -39.08
CA PHE C 216 9.36 -19.97 -38.98
C PHE C 216 9.93 -19.62 -40.35
N TYR C 217 10.63 -18.48 -40.42
CA TYR C 217 11.24 -18.05 -41.68
C TYR C 217 12.75 -17.97 -41.55
N GLY C 218 13.44 -18.99 -42.07
CA GLY C 218 14.88 -19.05 -42.00
C GLY C 218 15.56 -18.73 -43.32
N LEU C 219 16.52 -19.56 -43.70
CA LEU C 219 17.28 -19.35 -44.93
C LEU C 219 16.58 -20.01 -46.12
N SER C 220 16.82 -19.47 -47.31
CA SER C 220 16.30 -20.04 -48.54
C SER C 220 17.25 -21.11 -49.07
N GLU C 221 16.78 -21.90 -50.03
CA GLU C 221 17.58 -22.98 -50.58
C GLU C 221 18.79 -22.44 -51.34
N ASN C 222 18.68 -21.20 -51.81
CA ASN C 222 19.78 -20.55 -52.52
C ASN C 222 20.93 -20.20 -51.58
N ASP C 223 20.63 -20.15 -50.29
CA ASP C 223 21.65 -19.89 -49.28
C ASP C 223 22.44 -21.15 -48.98
N GLU C 224 23.64 -21.25 -49.54
CA GLU C 224 24.48 -22.42 -49.35
C GLU C 224 24.75 -22.67 -47.87
N TRP C 225 24.57 -23.92 -47.45
CA TRP C 225 24.76 -24.28 -46.04
C TRP C 225 25.68 -25.49 -45.90
N THR C 226 26.73 -25.33 -45.10
CA THR C 226 27.69 -26.40 -44.88
C THR C 226 28.01 -26.58 -43.40
N GLN C 227 27.11 -27.24 -42.68
CA GLN C 227 27.30 -27.47 -41.25
C GLN C 227 26.98 -28.92 -40.89
N ASP C 228 27.64 -29.42 -39.84
CA ASP C 228 27.43 -30.79 -39.38
C ASP C 228 25.99 -30.99 -38.91
N ARG C 229 25.39 -29.94 -38.38
CA ARG C 229 24.02 -30.01 -37.90
C ARG C 229 23.03 -29.76 -39.03
N ALA C 230 21.75 -29.73 -38.70
CA ALA C 230 20.70 -29.52 -39.70
C ALA C 230 20.79 -28.14 -40.34
N LYS C 231 19.78 -27.81 -41.15
CA LYS C 231 19.75 -26.53 -41.84
C LYS C 231 18.48 -25.75 -41.48
N PRO C 232 18.63 -24.66 -40.72
CA PRO C 232 17.53 -23.78 -40.30
C PRO C 232 16.85 -23.12 -41.49
N VAL C 233 15.90 -23.82 -42.10
CA VAL C 233 15.17 -23.29 -43.25
C VAL C 233 13.79 -22.78 -42.83
N THR C 234 13.16 -22.02 -43.72
CA THR C 234 11.80 -21.52 -43.49
C THR C 234 10.87 -22.72 -43.31
N GLN C 235 10.56 -23.03 -42.06
CA GLN C 235 9.79 -24.23 -41.74
C GLN C 235 8.65 -23.94 -40.76
N ILE C 236 8.06 -25.01 -40.23
CA ILE C 236 6.96 -24.88 -39.28
C ILE C 236 7.12 -25.86 -38.12
N VAL C 237 7.18 -25.32 -36.90
CA VAL C 237 7.26 -26.15 -35.71
C VAL C 237 5.96 -26.09 -34.94
N SER C 238 5.40 -27.25 -34.62
CA SER C 238 4.11 -27.32 -33.94
C SER C 238 4.11 -28.32 -32.78
N ALA C 239 3.16 -28.15 -31.88
CA ALA C 239 3.00 -29.07 -30.75
C ALA C 239 1.52 -29.29 -30.48
N GLU C 240 1.09 -30.56 -30.53
CA GLU C 240 -0.32 -30.89 -30.35
C GLU C 240 -0.58 -31.52 -28.98
N ALA C 241 -1.84 -31.48 -28.57
CA ALA C 241 -2.24 -32.03 -27.27
C ALA C 241 -3.75 -32.31 -27.26
N TRP C 242 -4.12 -33.46 -26.71
CA TRP C 242 -5.53 -33.86 -26.65
C TRP C 242 -6.20 -33.38 -25.37
N GLY C 243 -7.52 -33.27 -25.41
CA GLY C 243 -8.28 -32.83 -24.25
C GLY C 243 -8.39 -33.90 -23.18
N ARG C 244 -8.20 -33.51 -21.93
CA ARG C 244 -8.28 -34.44 -20.81
C ARG C 244 -9.73 -34.75 -20.46
N ALA C 245 -9.93 -35.71 -19.57
CA ALA C 245 -11.27 -36.10 -19.13
C ALA C 245 -11.66 -35.38 -17.84
N ASP C 246 -12.95 -35.11 -17.68
CA ASP C 246 -13.46 -34.42 -16.50
C ASP C 246 -13.60 -35.38 -15.31
N GLY D 11 -37.40 18.02 60.96
CA GLY D 11 -36.85 18.63 62.15
C GLY D 11 -37.04 17.77 63.39
N THR D 12 -37.23 16.47 63.17
CA THR D 12 -37.43 15.54 64.27
C THR D 12 -36.60 14.27 64.08
N PRO D 13 -35.44 14.20 64.75
CA PRO D 13 -34.54 13.04 64.66
C PRO D 13 -35.27 11.72 64.92
N PHE D 14 -34.88 10.67 64.20
CA PHE D 14 -35.52 9.37 64.34
C PHE D 14 -34.55 8.22 64.07
N PRO D 15 -34.03 7.61 65.14
CA PRO D 15 -33.08 6.49 65.05
C PRO D 15 -33.79 5.19 64.70
N SER D 16 -33.02 4.16 64.38
CA SER D 16 -33.58 2.84 64.05
C SER D 16 -32.50 1.77 63.99
N LEU D 17 -32.66 0.72 64.78
CA LEU D 17 -31.72 -0.40 64.78
C LEU D 17 -32.04 -1.37 63.66
N ALA D 18 -31.11 -1.51 62.72
CA ALA D 18 -31.29 -2.39 61.57
C ALA D 18 -30.96 -3.83 61.93
N PRO D 19 -31.53 -4.78 61.18
CA PRO D 19 -31.26 -6.22 61.37
C PRO D 19 -29.78 -6.52 61.38
N PRO D 20 -29.30 -7.24 62.41
CA PRO D 20 -27.89 -7.58 62.58
C PRO D 20 -27.32 -8.33 61.38
N ILE D 21 -26.01 -8.41 61.29
CA ILE D 21 -25.34 -9.13 60.21
C ILE D 21 -24.19 -9.96 60.77
N MET D 22 -23.91 -11.09 60.12
CA MET D 22 -22.84 -11.98 60.57
C MET D 22 -21.66 -11.99 59.61
N LEU D 23 -20.48 -11.65 60.12
CA LEU D 23 -19.27 -11.64 59.31
C LEU D 23 -18.17 -12.46 59.98
N LEU D 24 -17.02 -12.54 59.33
CA LEU D 24 -15.89 -13.29 59.86
C LEU D 24 -14.64 -12.42 59.94
N VAL D 25 -13.89 -12.57 61.02
CA VAL D 25 -12.67 -11.79 61.22
C VAL D 25 -11.43 -12.67 61.23
N ASP D 26 -11.25 -13.41 62.32
CA ASP D 26 -10.11 -14.32 62.46
C ASP D 26 -10.56 -15.67 63.00
N GLY D 27 -11.40 -16.35 62.24
CA GLY D 27 -11.92 -17.64 62.66
C GLY D 27 -13.05 -17.48 63.66
N LYS D 28 -13.36 -16.23 64.00
CA LYS D 28 -14.43 -15.94 64.95
C LYS D 28 -15.62 -15.29 64.26
N GLN D 29 -16.81 -15.79 64.56
CA GLN D 29 -18.04 -15.20 64.04
C GLN D 29 -18.25 -13.83 64.69
N GLN D 30 -18.49 -12.82 63.86
CA GLN D 30 -18.60 -11.45 64.36
C GLN D 30 -20.02 -10.91 64.22
N MET D 31 -20.54 -10.35 65.32
CA MET D 31 -21.86 -9.74 65.33
C MET D 31 -21.75 -8.24 65.07
N VAL D 32 -22.30 -7.81 63.94
CA VAL D 32 -22.23 -6.40 63.55
C VAL D 32 -23.62 -5.79 63.41
N VAL D 33 -23.84 -4.67 64.09
CA VAL D 33 -25.13 -3.97 64.04
C VAL D 33 -24.89 -2.50 63.69
N VAL D 34 -25.96 -1.79 63.34
CA VAL D 34 -25.85 -0.39 62.97
C VAL D 34 -27.12 0.39 63.34
N CYS D 35 -26.94 1.66 63.72
CA CYS D 35 -28.06 2.51 64.06
C CYS D 35 -28.14 3.70 63.11
N LEU D 36 -29.31 3.91 62.52
CA LEU D 36 -29.50 4.99 61.55
C LEU D 36 -30.49 6.04 62.04
N VAL D 37 -29.99 7.25 62.29
CA VAL D 37 -30.85 8.35 62.70
C VAL D 37 -31.27 9.18 61.48
N LEU D 38 -32.54 9.55 61.44
CA LEU D 38 -33.09 10.25 60.28
C LEU D 38 -33.66 11.61 60.64
N ASP D 39 -34.08 12.36 59.61
CA ASP D 39 -34.68 13.67 59.80
C ASP D 39 -33.84 14.58 60.69
N VAL D 40 -32.53 14.40 60.63
CA VAL D 40 -31.61 15.24 61.39
C VAL D 40 -31.38 16.57 60.67
N ALA D 41 -31.46 17.66 61.42
CA ALA D 41 -31.22 18.99 60.86
C ALA D 41 -29.81 19.06 60.28
N PRO D 42 -29.51 20.15 59.55
CA PRO D 42 -28.16 20.43 59.06
C PRO D 42 -27.40 21.33 60.03
N PRO D 43 -26.81 20.74 61.09
CA PRO D 43 -26.17 21.52 62.15
C PRO D 43 -24.67 21.66 61.92
N GLY D 44 -24.06 22.64 62.59
CA GLY D 44 -22.61 22.73 62.64
C GLY D 44 -22.11 21.62 63.52
N LEU D 45 -22.94 21.22 64.49
CA LEU D 45 -22.66 20.09 65.35
C LEU D 45 -23.15 18.81 64.69
N ASP D 46 -23.89 17.99 65.45
CA ASP D 46 -24.41 16.73 64.93
C ASP D 46 -25.29 16.02 65.94
N SER D 47 -25.77 14.84 65.57
CA SER D 47 -26.57 14.01 66.45
C SER D 47 -25.79 12.78 66.89
N PRO D 48 -24.99 12.92 67.96
CA PRO D 48 -24.14 11.85 68.49
C PRO D 48 -24.89 10.53 68.64
N ILE D 49 -24.22 9.42 68.31
CA ILE D 49 -24.84 8.11 68.39
C ILE D 49 -24.06 7.18 69.31
N TRP D 50 -24.69 6.76 70.40
CA TRP D 50 -24.06 5.83 71.33
C TRP D 50 -25.00 4.67 71.65
N PHE D 51 -24.43 3.54 72.06
CA PHE D 51 -25.21 2.33 72.30
C PHE D 51 -25.15 1.89 73.77
N SER D 52 -26.13 1.08 74.17
CA SER D 52 -26.18 0.54 75.52
C SER D 52 -26.37 -0.97 75.50
N ALA D 53 -25.73 -1.66 76.44
CA ALA D 53 -25.76 -3.11 76.48
C ALA D 53 -26.75 -3.64 77.52
N GLY D 54 -26.54 -4.89 77.94
CA GLY D 54 -27.43 -5.53 78.89
C GLY D 54 -26.96 -5.41 80.32
N ASN D 55 -25.66 -5.57 80.54
CA ASN D 55 -25.08 -5.45 81.87
C ASN D 55 -25.08 -4.00 82.37
N GLY D 56 -25.73 -3.12 81.62
CA GLY D 56 -25.82 -1.72 81.99
C GLY D 56 -24.67 -0.91 81.43
N SER D 57 -23.69 -1.59 80.86
CA SER D 57 -22.51 -0.93 80.30
C SER D 57 -22.77 -0.44 78.89
N ALA D 58 -22.00 0.56 78.45
CA ALA D 58 -22.12 1.10 77.11
C ALA D 58 -21.05 0.50 76.20
N LEU D 59 -21.28 0.54 74.90
CA LEU D 59 -20.37 -0.06 73.94
C LEU D 59 -19.85 0.98 72.94
N ASP D 60 -18.52 1.14 72.91
CA ASP D 60 -17.90 2.07 71.98
C ASP D 60 -18.12 1.63 70.54
N ALA D 61 -18.52 2.57 69.68
CA ALA D 61 -18.82 2.27 68.29
C ALA D 61 -18.06 3.18 67.34
N PHE D 62 -18.41 3.10 66.06
CA PHE D 62 -17.78 3.92 65.03
C PHE D 62 -18.82 4.65 64.20
N THR D 63 -18.78 5.99 64.24
CA THR D 63 -19.75 6.80 63.51
C THR D 63 -19.20 7.21 62.14
N TYR D 64 -20.12 7.56 61.24
CA TYR D 64 -19.74 8.01 59.91
C TYR D 64 -20.10 9.48 59.69
N GLY D 65 -20.65 10.10 60.72
CA GLY D 65 -21.02 11.51 60.67
C GLY D 65 -22.23 11.77 59.79
N PRO D 66 -22.92 12.90 60.05
CA PRO D 66 -24.09 13.31 59.27
C PRO D 66 -23.76 13.49 57.79
N SER D 67 -24.66 13.06 56.92
CA SER D 67 -24.44 13.17 55.48
C SER D 67 -25.66 13.76 54.78
N PRO D 68 -25.44 14.80 53.96
CA PRO D 68 -26.50 15.47 53.21
C PRO D 68 -27.13 14.55 52.18
N ALA D 69 -28.35 14.10 52.44
CA ALA D 69 -29.07 13.25 51.50
C ALA D 69 -29.49 14.04 50.27
N THR D 70 -29.74 13.34 49.17
CA THR D 70 -30.10 13.98 47.91
C THR D 70 -31.43 14.71 47.98
N ASP D 71 -32.24 14.39 48.98
CA ASP D 71 -33.55 15.01 49.14
C ASP D 71 -33.52 16.15 50.17
N GLY D 72 -32.36 16.79 50.30
CA GLY D 72 -32.21 17.91 51.20
C GLY D 72 -32.42 17.57 52.67
N THR D 73 -31.79 16.50 53.12
CA THR D 73 -31.85 16.11 54.52
C THR D 73 -30.48 15.70 55.04
N TRP D 74 -30.43 15.28 56.30
CA TRP D 74 -29.17 14.88 56.94
C TRP D 74 -29.36 13.63 57.79
N THR D 75 -28.42 12.70 57.69
CA THR D 75 -28.49 11.46 58.45
C THR D 75 -27.14 11.04 59.00
N ASN D 76 -27.08 10.79 60.30
CA ASN D 76 -25.86 10.32 60.94
C ASN D 76 -25.90 8.80 61.13
N LEU D 77 -24.76 8.16 60.95
CA LEU D 77 -24.68 6.70 61.03
C LEU D 77 -23.61 6.24 62.01
N ALA D 78 -23.76 5.03 62.53
CA ALA D 78 -22.80 4.46 63.46
C ALA D 78 -22.99 2.95 63.59
N HIS D 79 -21.92 2.19 63.35
CA HIS D 79 -21.99 0.74 63.44
C HIS D 79 -21.32 0.24 64.72
N LEU D 80 -21.68 -0.96 65.14
CA LEU D 80 -21.12 -1.56 66.35
C LEU D 80 -20.73 -3.02 66.10
N SER D 81 -19.53 -3.39 66.52
CA SER D 81 -19.04 -4.75 66.30
C SER D 81 -18.67 -5.43 67.62
N LEU D 82 -19.04 -6.70 67.74
CA LEU D 82 -18.73 -7.48 68.93
C LEU D 82 -18.92 -8.98 68.66
N PRO D 83 -18.09 -9.81 69.31
CA PRO D 83 -18.14 -11.28 69.11
C PRO D 83 -19.53 -11.84 69.40
N SER D 84 -19.91 -12.88 68.65
CA SER D 84 -21.20 -13.53 68.85
C SER D 84 -21.21 -14.32 70.16
N GLU D 85 -20.03 -14.45 70.77
CA GLU D 85 -19.89 -15.17 72.02
C GLU D 85 -20.63 -14.44 73.14
N GLU D 86 -20.44 -13.13 73.20
CA GLU D 86 -21.00 -12.32 74.28
C GLU D 86 -22.42 -11.84 73.97
N LEU D 87 -23.08 -12.52 73.02
CA LEU D 87 -24.45 -12.18 72.66
C LEU D 87 -25.43 -12.57 73.75
N ALA D 88 -24.92 -13.19 74.80
CA ALA D 88 -25.76 -13.61 75.92
C ALA D 88 -25.54 -12.73 77.14
N SER D 89 -24.94 -11.56 76.92
CA SER D 89 -24.65 -10.64 78.01
C SER D 89 -25.05 -9.21 77.68
N TRP D 90 -24.97 -8.85 76.40
CA TRP D 90 -25.28 -7.49 75.97
C TRP D 90 -26.73 -7.32 75.55
N GLU D 91 -27.35 -8.42 75.12
CA GLU D 91 -28.73 -8.37 74.64
C GLU D 91 -29.71 -8.06 75.79
N PRO D 92 -30.77 -7.31 75.49
CA PRO D 92 -31.02 -6.70 74.17
C PRO D 92 -30.14 -5.47 73.96
N LEU D 93 -30.14 -4.95 72.73
CA LEU D 93 -29.30 -3.79 72.39
C LEU D 93 -30.14 -2.54 72.17
N VAL D 94 -29.60 -1.39 72.56
CA VAL D 94 -30.31 -0.12 72.43
C VAL D 94 -29.41 0.96 71.82
N CYS D 95 -30.00 1.80 70.96
CA CYS D 95 -29.27 2.89 70.33
C CYS D 95 -29.80 4.25 70.80
N HIS D 96 -28.95 5.26 70.77
CA HIS D 96 -29.33 6.60 71.21
C HIS D 96 -28.81 7.67 70.26
N THR D 97 -29.50 8.82 70.25
CA THR D 97 -29.09 9.94 69.41
C THR D 97 -29.49 11.26 70.09
N GLY D 98 -29.41 12.35 69.33
CA GLY D 98 -29.80 13.65 69.84
C GLY D 98 -28.70 14.32 70.63
N PRO D 99 -28.94 15.57 71.08
CA PRO D 99 -30.20 16.29 70.87
C PRO D 99 -30.41 16.65 69.40
N HIS D 104 -33.44 17.49 74.48
CA HIS D 104 -32.47 16.50 74.94
C HIS D 104 -32.29 15.38 73.92
N SER D 105 -31.77 14.24 74.38
CA SER D 105 -31.46 13.13 73.49
C SER D 105 -32.69 12.29 73.16
N ARG D 106 -32.53 11.39 72.17
CA ARG D 106 -33.59 10.47 71.78
C ARG D 106 -33.06 9.04 71.82
N SER D 107 -33.97 8.07 71.76
CA SER D 107 -33.58 6.66 71.84
C SER D 107 -34.53 5.75 71.06
N THR D 108 -34.23 4.46 71.09
CA THR D 108 -35.06 3.46 70.40
C THR D 108 -35.38 2.28 71.31
N GLN D 109 -36.18 1.35 70.79
CA GLN D 109 -36.56 0.16 71.55
C GLN D 109 -35.43 -0.88 71.54
N PRO D 110 -35.30 -1.64 72.63
CA PRO D 110 -34.30 -2.70 72.74
C PRO D 110 -34.45 -3.73 71.63
N MET D 111 -33.33 -4.24 71.14
CA MET D 111 -33.35 -5.25 70.08
C MET D 111 -32.70 -6.54 70.56
N HIS D 112 -33.52 -7.55 70.85
CA HIS D 112 -33.03 -8.83 71.34
C HIS D 112 -32.08 -9.49 70.36
N LEU D 113 -30.79 -9.45 70.68
CA LEU D 113 -29.78 -10.08 69.83
C LEU D 113 -29.88 -11.59 69.89
N SER D 114 -29.58 -12.16 71.05
CA SER D 114 -29.66 -13.60 71.25
C SER D 114 -28.91 -14.37 70.17
N GLY E 11 -12.73 1.00 -32.31
CA GLY E 11 -13.19 0.38 -33.53
C GLY E 11 -12.42 0.85 -34.75
N THR E 12 -12.42 2.16 -34.96
CA THR E 12 -11.71 2.74 -36.10
C THR E 12 -10.81 3.89 -35.65
N PRO E 13 -9.49 3.73 -35.83
CA PRO E 13 -8.47 4.70 -35.43
C PRO E 13 -8.83 6.13 -35.84
N PHE E 14 -8.53 7.09 -34.99
CA PHE E 14 -8.83 8.49 -35.25
C PHE E 14 -7.77 9.42 -34.66
N PRO E 15 -6.90 9.95 -35.53
CA PRO E 15 -5.81 10.87 -35.14
C PRO E 15 -6.31 12.29 -34.93
N SER E 16 -5.49 13.12 -34.29
CA SER E 16 -5.85 14.52 -34.04
C SER E 16 -4.64 15.35 -33.62
N LEU E 17 -4.37 16.40 -34.37
CA LEU E 17 -3.27 17.30 -34.05
C LEU E 17 -3.65 18.27 -32.93
N ALA E 18 -2.83 18.29 -31.88
CA ALA E 18 -3.07 19.17 -30.75
C ALA E 18 -2.41 20.53 -30.95
N PRO E 19 -2.96 21.58 -30.33
CA PRO E 19 -2.40 22.93 -30.42
C PRO E 19 -0.90 22.94 -30.16
N PRO E 20 -0.13 23.62 -31.02
CA PRO E 20 1.33 23.72 -30.90
C PRO E 20 1.75 24.37 -29.59
N ILE E 21 3.01 24.17 -29.22
CA ILE E 21 3.56 24.78 -28.01
C ILE E 21 4.86 25.53 -28.34
N MET E 22 5.07 26.65 -27.68
CA MET E 22 6.26 27.47 -27.92
C MET E 22 7.24 27.34 -26.77
N LEU E 23 8.41 26.77 -27.06
CA LEU E 23 9.45 26.58 -26.05
C LEU E 23 10.77 27.17 -26.50
N LEU E 24 11.81 26.97 -25.68
CA LEU E 24 13.14 27.50 -25.98
C LEU E 24 14.19 26.40 -25.90
N VAL E 25 15.22 26.52 -26.74
CA VAL E 25 16.31 25.55 -26.74
C VAL E 25 17.65 26.24 -26.52
N ASP E 26 18.22 26.78 -27.61
CA ASP E 26 19.49 27.50 -27.53
C ASP E 26 19.33 28.94 -27.96
N GLY E 27 18.52 29.69 -27.23
CA GLY E 27 18.27 31.08 -27.54
C GLY E 27 17.31 31.23 -28.71
N LYS E 28 16.94 30.10 -29.32
CA LYS E 28 16.04 30.10 -30.46
C LYS E 28 14.73 29.41 -30.11
N GLN E 29 13.62 30.10 -30.36
CA GLN E 29 12.30 29.57 -30.08
C GLN E 29 12.10 28.23 -30.78
N GLN E 30 11.40 27.32 -30.12
CA GLN E 30 11.18 25.99 -30.67
C GLN E 30 9.68 25.66 -30.80
N MET E 31 9.30 25.14 -31.96
CA MET E 31 7.93 24.77 -32.23
C MET E 31 7.73 23.27 -32.05
N VAL E 32 6.86 22.89 -31.11
CA VAL E 32 6.59 21.49 -30.84
C VAL E 32 5.10 21.17 -30.87
N VAL E 33 4.73 20.20 -31.68
CA VAL E 33 3.34 19.78 -31.79
C VAL E 33 3.23 18.27 -31.59
N VAL E 34 2.07 17.81 -31.17
CA VAL E 34 1.85 16.38 -30.91
C VAL E 34 0.60 15.86 -31.60
N CYS E 35 0.68 14.63 -32.11
CA CYS E 35 -0.46 13.98 -32.74
C CYS E 35 -0.89 12.75 -31.94
N LEU E 36 -2.19 12.65 -31.68
CA LEU E 36 -2.74 11.56 -30.88
C LEU E 36 -3.79 10.77 -31.64
N VAL E 37 -3.51 9.50 -31.90
CA VAL E 37 -4.47 8.63 -32.58
C VAL E 37 -5.25 7.78 -31.58
N LEU E 38 -6.57 7.79 -31.72
CA LEU E 38 -7.44 7.07 -30.79
C LEU E 38 -8.08 5.87 -31.46
N ASP E 39 -8.95 5.18 -30.72
CA ASP E 39 -9.69 4.03 -31.24
C ASP E 39 -8.76 3.00 -31.89
N VAL E 40 -7.52 2.95 -31.43
CA VAL E 40 -6.55 2.01 -31.97
C VAL E 40 -6.88 0.57 -31.58
N ALA E 41 -7.09 -0.28 -32.57
CA ALA E 41 -7.38 -1.68 -32.32
C ALA E 41 -6.31 -2.30 -31.42
N PRO E 42 -6.73 -3.17 -30.49
CA PRO E 42 -5.82 -3.80 -29.53
C PRO E 42 -4.57 -4.36 -30.16
N PRO E 43 -3.39 -3.90 -29.69
CA PRO E 43 -2.04 -4.36 -30.06
C PRO E 43 -1.92 -5.88 -30.07
N GLY E 44 -0.75 -6.42 -30.39
CA GLY E 44 0.47 -5.65 -30.61
C GLY E 44 0.50 -4.77 -31.84
N LEU E 45 -0.44 -4.99 -32.76
CA LEU E 45 -0.51 -4.19 -33.97
C LEU E 45 -0.58 -2.70 -33.64
N ASP E 46 0.41 -1.95 -34.09
CA ASP E 46 0.46 -0.52 -33.83
C ASP E 46 -0.11 0.29 -35.00
N SER E 47 -0.49 1.53 -34.72
CA SER E 47 -0.96 2.44 -35.75
C SER E 47 0.06 3.56 -35.94
N PRO E 48 1.07 3.33 -36.78
CA PRO E 48 2.18 4.25 -37.02
C PRO E 48 1.73 5.70 -37.23
N ILE E 49 2.61 6.64 -36.90
CA ILE E 49 2.30 8.06 -37.04
C ILE E 49 3.42 8.80 -37.77
N TRP E 50 3.12 9.27 -38.98
CA TRP E 50 4.08 10.05 -39.75
C TRP E 50 3.48 11.40 -40.13
N PHE E 51 4.34 12.38 -40.42
CA PHE E 51 3.88 13.73 -40.70
C PHE E 51 4.20 14.19 -42.12
N SER E 52 3.50 15.23 -42.57
CA SER E 52 3.72 15.80 -43.89
C SER E 52 3.50 17.31 -43.85
N ALA E 53 4.05 18.01 -44.83
CA ALA E 53 3.95 19.47 -44.87
C ALA E 53 3.42 19.99 -46.21
N GLY E 54 3.40 21.30 -46.36
CA GLY E 54 2.93 21.93 -47.58
C GLY E 54 3.77 21.53 -48.78
N ASN E 55 5.09 21.60 -48.63
CA ASN E 55 6.01 21.18 -49.67
C ASN E 55 5.74 19.74 -50.08
N GLY E 56 5.23 18.96 -49.14
CA GLY E 56 4.95 17.55 -49.38
C GLY E 56 5.96 16.66 -48.69
N SER E 57 7.06 17.26 -48.25
CA SER E 57 8.12 16.53 -47.59
C SER E 57 7.65 15.91 -46.29
N ALA E 58 8.22 14.76 -45.95
CA ALA E 58 7.88 14.08 -44.70
C ALA E 58 8.82 14.51 -43.58
N LEU E 59 8.26 14.76 -42.41
CA LEU E 59 9.05 15.19 -41.26
C LEU E 59 9.21 14.08 -40.23
N ASP E 60 10.45 13.64 -40.03
CA ASP E 60 10.75 12.60 -39.06
C ASP E 60 10.29 13.01 -37.66
N ALA E 61 9.67 12.07 -36.95
CA ALA E 61 9.15 12.35 -35.61
C ALA E 61 9.47 11.23 -34.64
N PHE E 62 9.23 11.48 -33.36
CA PHE E 62 9.47 10.49 -32.32
C PHE E 62 8.15 9.95 -31.78
N THR E 63 7.99 8.63 -31.83
CA THR E 63 6.77 7.99 -31.35
C THR E 63 6.96 7.46 -29.93
N TYR E 64 5.84 7.30 -29.21
CA TYR E 64 5.88 6.81 -27.84
C TYR E 64 5.33 5.40 -27.74
N GLY E 65 4.65 4.95 -28.79
CA GLY E 65 4.11 3.60 -28.83
C GLY E 65 2.71 3.50 -28.30
N PRO E 66 1.96 2.48 -28.75
CA PRO E 66 0.58 2.24 -28.31
C PRO E 66 0.50 1.94 -26.82
N SER E 67 -0.14 2.84 -26.07
CA SER E 67 -0.28 2.66 -24.63
C SER E 67 -1.71 2.31 -24.24
N PRO E 68 -1.86 1.41 -23.26
CA PRO E 68 -3.18 0.97 -22.78
C PRO E 68 -3.98 2.13 -22.23
N ALA E 69 -5.07 2.49 -22.90
CA ALA E 69 -5.95 3.56 -22.43
C ALA E 69 -6.67 3.14 -21.16
N THR E 70 -7.00 4.11 -20.31
CA THR E 70 -7.62 3.84 -19.02
C THR E 70 -9.01 3.20 -19.17
N ASP E 71 -9.66 3.45 -20.28
CA ASP E 71 -11.01 2.93 -20.52
C ASP E 71 -10.99 1.47 -20.97
N GLY E 72 -9.91 1.08 -21.65
CA GLY E 72 -9.77 -0.28 -22.15
C GLY E 72 -9.24 -0.32 -23.56
N THR E 73 -9.44 0.76 -24.31
CA THR E 73 -8.95 0.84 -25.69
C THR E 73 -7.46 1.15 -25.70
N TRP E 74 -6.95 1.57 -26.85
CA TRP E 74 -5.54 1.87 -27.00
C TRP E 74 -5.29 3.17 -27.75
N THR E 75 -4.18 3.83 -27.44
CA THR E 75 -3.83 5.09 -28.08
C THR E 75 -2.34 5.18 -28.33
N ASN E 76 -1.96 5.58 -29.54
CA ASN E 76 -0.56 5.78 -29.89
C ASN E 76 -0.22 7.27 -29.97
N LEU E 77 0.99 7.61 -29.54
CA LEU E 77 1.40 9.02 -29.49
C LEU E 77 2.70 9.26 -30.25
N ALA E 78 2.89 10.49 -30.70
CA ALA E 78 4.09 10.87 -31.42
C ALA E 78 4.22 12.40 -31.50
N HIS E 79 5.36 12.92 -31.07
CA HIS E 79 5.58 14.36 -31.07
C HIS E 79 6.54 14.77 -32.18
N LEU E 80 6.42 16.03 -32.63
CA LEU E 80 7.27 16.54 -33.68
C LEU E 80 7.87 17.89 -33.28
N SER E 81 9.19 18.01 -33.40
CA SER E 81 9.88 19.24 -33.06
C SER E 81 10.33 19.97 -34.33
N LEU E 82 10.17 21.29 -34.32
CA LEU E 82 10.47 22.10 -35.50
C LEU E 82 10.95 23.50 -35.09
N PRO E 83 12.01 23.99 -35.75
CA PRO E 83 12.48 25.37 -35.51
C PRO E 83 11.34 26.36 -35.71
N SER E 84 11.23 27.33 -34.80
CA SER E 84 10.13 28.28 -34.83
C SER E 84 10.27 29.31 -35.95
N GLU E 85 11.34 29.19 -36.74
CA GLU E 85 11.58 30.09 -37.85
C GLU E 85 11.33 29.42 -39.20
N GLU E 86 11.10 28.12 -39.18
CA GLU E 86 10.86 27.35 -40.40
C GLU E 86 9.38 26.98 -40.53
N LEU E 87 8.53 27.67 -39.77
CA LEU E 87 7.11 27.36 -39.74
C LEU E 87 6.39 27.65 -41.07
N ALA E 88 6.75 28.74 -41.72
CA ALA E 88 6.09 29.13 -42.96
C ALA E 88 6.53 28.27 -44.14
N SER E 89 7.67 27.61 -43.98
CA SER E 89 8.23 26.77 -45.04
C SER E 89 7.53 25.41 -45.09
N TRP E 90 6.71 25.13 -44.08
CA TRP E 90 6.03 23.84 -44.01
C TRP E 90 4.56 24.00 -43.62
N GLU E 91 3.91 25.03 -44.15
CA GLU E 91 2.50 25.29 -43.87
C GLU E 91 1.62 24.78 -45.01
N PRO E 92 0.55 24.04 -44.66
CA PRO E 92 0.24 23.64 -43.28
C PRO E 92 0.92 22.32 -42.92
N LEU E 93 0.58 21.79 -41.74
CA LEU E 93 1.15 20.53 -41.29
C LEU E 93 0.06 19.46 -41.15
N VAL E 94 0.37 18.26 -41.62
CA VAL E 94 -0.62 17.17 -41.62
C VAL E 94 -0.12 15.95 -40.84
N CYS E 95 -1.04 15.25 -40.20
CA CYS E 95 -0.71 14.03 -39.46
C CYS E 95 -1.41 12.82 -40.09
N HIS E 96 -0.69 11.70 -40.17
CA HIS E 96 -1.24 10.48 -40.75
C HIS E 96 -1.12 9.31 -39.79
N THR E 97 -2.04 8.35 -39.94
CA THR E 97 -2.04 7.16 -39.09
C THR E 97 -2.57 5.96 -39.85
N GLY E 98 -2.76 4.85 -39.15
CA GLY E 98 -3.26 3.64 -39.76
C GLY E 98 -2.16 2.64 -40.08
N PRO E 99 -2.49 1.62 -40.88
CA PRO E 99 -3.82 1.40 -41.45
C PRO E 99 -4.85 1.01 -40.39
N GLY E 100 -4.44 0.15 -39.45
CA GLY E 100 -5.32 -0.30 -38.40
C GLY E 100 -6.44 -1.17 -38.94
N ALA E 101 -6.10 -2.02 -39.90
CA ALA E 101 -7.08 -2.91 -40.52
C ALA E 101 -8.17 -2.16 -41.28
N GLU E 102 -8.03 -0.84 -41.33
CA GLU E 102 -9.00 0.00 -42.02
C GLU E 102 -8.83 -0.12 -43.53
N GLY E 103 -7.70 -0.67 -43.95
CA GLY E 103 -7.41 -0.84 -45.36
C GLY E 103 -6.56 0.29 -45.91
N HIS E 104 -6.67 1.46 -45.28
CA HIS E 104 -5.92 2.64 -45.71
C HIS E 104 -5.49 3.48 -44.51
N SER E 105 -4.88 4.63 -44.80
CA SER E 105 -4.41 5.52 -43.74
C SER E 105 -5.40 6.65 -43.49
N ARG E 106 -5.48 7.08 -42.23
CA ARG E 106 -6.33 8.20 -41.87
C ARG E 106 -5.50 9.47 -41.70
N SER E 107 -6.07 10.61 -42.09
CA SER E 107 -5.35 11.87 -42.03
C SER E 107 -6.13 12.94 -41.28
N THR E 108 -5.41 13.90 -40.70
CA THR E 108 -6.04 15.01 -40.00
C THR E 108 -6.08 16.25 -40.89
N GLN E 109 -6.72 17.31 -40.40
CA GLN E 109 -6.79 18.56 -41.14
C GLN E 109 -5.51 19.36 -40.97
N PRO E 110 -4.92 19.80 -42.09
CA PRO E 110 -3.66 20.57 -42.10
C PRO E 110 -3.76 21.83 -41.24
N MET E 111 -2.86 21.96 -40.28
CA MET E 111 -2.83 23.13 -39.40
C MET E 111 -1.97 24.25 -39.98
N HIS E 112 -2.56 25.43 -40.10
CA HIS E 112 -1.84 26.60 -40.58
C HIS E 112 -1.07 27.27 -39.45
N LEU E 113 -0.07 28.06 -39.81
CA LEU E 113 0.76 28.74 -38.82
C LEU E 113 0.88 30.23 -39.14
N SER E 114 0.92 31.05 -38.09
CA SER E 114 0.87 30.57 -36.72
C SER E 114 -0.37 31.08 -36.00
N THR F 12 -7.96 -9.29 -9.10
CA THR F 12 -6.91 -9.91 -8.29
C THR F 12 -6.19 -11.00 -9.07
N PRO F 13 -4.85 -10.91 -9.13
CA PRO F 13 -4.01 -11.89 -9.83
C PRO F 13 -4.21 -13.30 -9.31
N PHE F 14 -4.30 -14.27 -10.22
CA PHE F 14 -4.49 -15.66 -9.83
C PHE F 14 -3.39 -16.56 -10.41
N PRO F 15 -2.47 -17.02 -9.55
CA PRO F 15 -1.35 -17.89 -9.95
C PRO F 15 -1.82 -19.31 -10.21
N SER F 16 -1.27 -19.96 -11.23
CA SER F 16 -1.64 -21.32 -11.57
C SER F 16 -0.49 -22.06 -12.26
N LEU F 17 -0.10 -23.19 -11.69
CA LEU F 17 0.96 -24.01 -12.27
C LEU F 17 0.41 -25.09 -13.19
N ALA F 18 0.82 -25.05 -14.46
CA ALA F 18 0.37 -26.03 -15.45
C ALA F 18 1.22 -27.30 -15.37
N PRO F 19 0.64 -28.43 -15.76
CA PRO F 19 1.33 -29.72 -15.76
C PRO F 19 2.69 -29.66 -16.44
N PRO F 20 3.73 -30.20 -15.79
CA PRO F 20 5.10 -30.21 -16.30
C PRO F 20 5.22 -30.98 -17.62
N ILE F 21 6.21 -30.61 -18.42
CA ILE F 21 6.46 -31.28 -19.69
C ILE F 21 7.90 -31.80 -19.74
N MET F 22 8.13 -32.81 -20.58
CA MET F 22 9.47 -33.38 -20.72
C MET F 22 10.05 -33.09 -22.11
N LEU F 23 11.26 -32.54 -22.13
CA LEU F 23 11.93 -32.21 -23.38
C LEU F 23 13.30 -32.85 -23.46
N LEU F 24 13.92 -32.76 -24.64
CA LEU F 24 15.25 -33.31 -24.84
C LEU F 24 16.20 -32.22 -25.33
N VAL F 25 17.24 -31.95 -24.55
CA VAL F 25 18.21 -30.92 -24.90
C VAL F 25 19.43 -31.53 -25.58
N ASP F 26 20.46 -31.84 -24.79
CA ASP F 26 21.67 -32.44 -25.32
C ASP F 26 21.89 -33.83 -24.75
N GLY F 27 21.05 -34.77 -25.16
CA GLY F 27 21.14 -36.13 -24.67
C GLY F 27 20.64 -36.28 -23.26
N LYS F 28 20.08 -35.20 -22.72
CA LYS F 28 19.56 -35.20 -21.35
C LYS F 28 18.09 -34.82 -21.32
N GLN F 29 17.32 -35.50 -20.48
CA GLN F 29 15.91 -35.17 -20.31
C GLN F 29 15.77 -33.90 -19.48
N GLN F 30 14.95 -32.98 -19.97
CA GLN F 30 14.77 -31.70 -19.28
C GLN F 30 13.34 -31.53 -18.76
N MET F 31 13.22 -31.20 -17.49
CA MET F 31 11.93 -30.93 -16.87
C MET F 31 11.57 -29.46 -16.99
N VAL F 32 10.48 -29.18 -17.71
CA VAL F 32 10.06 -27.81 -17.94
C VAL F 32 8.65 -27.56 -17.40
N VAL F 33 8.49 -26.48 -16.64
CA VAL F 33 7.20 -26.12 -16.07
C VAL F 33 6.85 -24.68 -16.43
N VAL F 34 5.60 -24.30 -16.21
CA VAL F 34 5.14 -22.95 -16.53
C VAL F 34 4.09 -22.46 -15.54
N CYS F 35 4.18 -21.18 -15.20
CA CYS F 35 3.22 -20.56 -14.28
C CYS F 35 2.49 -19.41 -14.98
N LEU F 36 1.16 -19.39 -14.86
CA LEU F 36 0.36 -18.37 -15.52
C LEU F 36 -0.56 -17.64 -14.54
N VAL F 37 -0.26 -16.39 -14.27
CA VAL F 37 -1.09 -15.57 -13.41
C VAL F 37 -2.16 -14.83 -14.22
N LEU F 38 -3.42 -15.06 -13.87
CA LEU F 38 -4.55 -14.50 -14.61
C LEU F 38 -5.10 -13.26 -13.93
N ASP F 39 -6.02 -12.58 -14.62
CA ASP F 39 -6.69 -11.40 -14.07
C ASP F 39 -5.69 -10.35 -13.61
N VAL F 40 -4.80 -9.94 -14.51
CA VAL F 40 -3.77 -8.97 -14.19
C VAL F 40 -4.14 -7.59 -14.76
N ALA F 41 -3.47 -6.55 -14.26
CA ALA F 41 -3.70 -5.19 -14.73
C ALA F 41 -2.45 -4.62 -15.39
N PRO F 42 -2.63 -3.69 -16.33
CA PRO F 42 -1.51 -3.07 -17.05
C PRO F 42 -0.52 -2.39 -16.11
N PRO F 43 0.68 -2.95 -15.98
CA PRO F 43 1.73 -2.44 -15.08
C PRO F 43 2.30 -1.12 -15.56
N GLY F 44 2.32 -0.11 -14.68
CA GLY F 44 1.77 -0.23 -13.34
C GLY F 44 2.56 -1.15 -12.43
N LEU F 45 1.93 -1.59 -11.34
CA LEU F 45 2.55 -2.53 -10.42
C LEU F 45 2.50 -3.94 -11.00
N ASP F 46 3.53 -4.27 -11.78
CA ASP F 46 3.61 -5.58 -12.43
C ASP F 46 3.46 -6.71 -11.43
N SER F 47 3.03 -7.87 -11.91
CA SER F 47 2.91 -9.06 -11.08
C SER F 47 3.96 -10.09 -11.47
N PRO F 48 5.20 -9.91 -10.96
CA PRO F 48 6.33 -10.76 -11.30
C PRO F 48 6.07 -12.23 -10.97
N ILE F 49 6.90 -13.12 -11.49
CA ILE F 49 6.77 -14.54 -11.24
C ILE F 49 8.11 -15.18 -10.89
N TRP F 50 8.20 -15.74 -9.69
CA TRP F 50 9.42 -16.41 -9.26
C TRP F 50 9.10 -17.77 -8.64
N PHE F 51 9.90 -18.76 -8.99
CA PHE F 51 9.65 -20.13 -8.55
C PHE F 51 10.52 -20.52 -7.34
N SER F 52 9.97 -21.37 -6.49
CA SER F 52 10.69 -21.86 -5.32
C SER F 52 10.76 -23.39 -5.36
N ALA F 53 11.78 -23.94 -4.72
CA ALA F 53 12.00 -25.39 -4.75
C ALA F 53 11.72 -26.06 -3.41
N GLY F 54 12.35 -27.21 -3.20
CA GLY F 54 12.19 -27.96 -1.97
C GLY F 54 13.19 -27.56 -0.90
N ASN F 55 14.44 -27.38 -1.30
CA ASN F 55 15.49 -26.95 -0.38
C ASN F 55 15.20 -25.55 0.18
N GLY F 56 14.24 -24.87 -0.42
CA GLY F 56 13.88 -23.52 0.00
C GLY F 56 14.47 -22.47 -0.92
N SER F 57 15.61 -22.78 -1.52
CA SER F 57 16.29 -21.86 -2.43
C SER F 57 15.40 -21.53 -3.63
N ALA F 58 15.59 -20.34 -4.19
CA ALA F 58 14.81 -19.91 -5.34
C ALA F 58 15.41 -20.44 -6.64
N LEU F 59 14.66 -20.34 -7.73
CA LEU F 59 15.11 -20.80 -9.03
C LEU F 59 14.92 -19.73 -10.09
N ASP F 60 16.01 -19.36 -10.76
CA ASP F 60 15.95 -18.34 -11.80
C ASP F 60 15.05 -18.78 -12.94
N ALA F 61 14.19 -17.88 -13.41
CA ALA F 61 13.25 -18.19 -14.48
C ALA F 61 13.23 -17.11 -15.54
N PHE F 62 12.51 -17.37 -16.63
CA PHE F 62 12.39 -16.42 -17.73
C PHE F 62 10.94 -16.00 -17.93
N THR F 63 10.63 -14.76 -17.58
CA THR F 63 9.27 -14.25 -17.71
C THR F 63 9.01 -13.70 -19.11
N TYR F 64 7.77 -13.85 -19.58
CA TYR F 64 7.39 -13.38 -20.90
C TYR F 64 6.76 -12.00 -20.86
N GLY F 65 6.35 -11.58 -19.66
CA GLY F 65 5.76 -10.26 -19.47
C GLY F 65 4.26 -10.25 -19.70
N PRO F 66 3.56 -9.33 -19.03
CA PRO F 66 2.10 -9.19 -19.14
C PRO F 66 1.68 -8.84 -20.56
N SER F 67 0.57 -9.42 -21.01
CA SER F 67 0.07 -9.16 -22.35
C SER F 67 -1.45 -9.00 -22.34
N PRO F 68 -1.98 -8.20 -23.27
CA PRO F 68 -3.43 -7.97 -23.38
C PRO F 68 -4.18 -9.26 -23.62
N ALA F 69 -5.34 -9.40 -22.97
CA ALA F 69 -6.16 -10.59 -23.13
C ALA F 69 -7.44 -10.25 -23.90
N THR F 70 -8.03 -11.28 -24.52
CA THR F 70 -9.26 -11.10 -25.28
C THR F 70 -10.38 -10.57 -24.39
N ASP F 71 -10.35 -10.98 -23.12
CA ASP F 71 -11.37 -10.56 -22.15
C ASP F 71 -11.21 -9.09 -21.83
N GLY F 72 -10.14 -8.48 -22.34
CA GLY F 72 -9.81 -7.11 -22.01
C GLY F 72 -8.92 -7.08 -20.79
N THR F 73 -8.70 -8.25 -20.20
CA THR F 73 -7.87 -8.39 -19.02
C THR F 73 -6.40 -8.54 -19.41
N TRP F 74 -5.58 -8.95 -18.45
CA TRP F 74 -4.15 -9.15 -18.69
C TRP F 74 -3.65 -10.41 -18.00
N THR F 75 -2.56 -10.97 -18.54
CA THR F 75 -1.97 -12.18 -17.97
C THR F 75 -0.45 -12.16 -18.11
N ASN F 76 0.24 -12.60 -17.06
CA ASN F 76 1.70 -12.68 -17.08
C ASN F 76 2.15 -14.14 -17.08
N LEU F 77 3.19 -14.43 -17.84
CA LEU F 77 3.65 -15.82 -17.99
C LEU F 77 5.13 -15.98 -17.63
N ALA F 78 5.52 -17.20 -17.30
CA ALA F 78 6.90 -17.52 -16.96
C ALA F 78 7.13 -19.02 -16.95
N HIS F 79 8.25 -19.47 -17.51
CA HIS F 79 8.57 -20.89 -17.55
C HIS F 79 9.86 -21.19 -16.79
N LEU F 80 10.04 -22.45 -16.41
CA LEU F 80 11.21 -22.88 -15.67
C LEU F 80 11.80 -24.17 -16.23
N SER F 81 13.08 -24.13 -16.58
CA SER F 81 13.78 -25.30 -17.09
C SER F 81 14.68 -25.89 -16.02
N LEU F 82 14.47 -27.17 -15.71
CA LEU F 82 15.22 -27.84 -14.67
C LEU F 82 15.53 -29.28 -15.06
N PRO F 83 16.82 -29.66 -15.03
CA PRO F 83 17.26 -31.00 -15.41
C PRO F 83 16.54 -32.08 -14.60
N SER F 84 16.23 -33.20 -15.25
CA SER F 84 15.57 -34.32 -14.58
C SER F 84 16.52 -35.02 -13.62
N GLU F 85 17.77 -34.56 -13.60
CA GLU F 85 18.78 -35.14 -12.72
C GLU F 85 18.81 -34.41 -11.39
N GLU F 86 18.07 -33.30 -11.31
CA GLU F 86 18.07 -32.47 -10.11
C GLU F 86 16.68 -32.36 -9.51
N LEU F 87 15.66 -32.79 -10.26
CA LEU F 87 14.28 -32.66 -9.82
C LEU F 87 14.03 -33.25 -8.43
N ALA F 88 14.78 -34.31 -8.11
CA ALA F 88 14.62 -34.98 -6.81
C ALA F 88 15.07 -34.08 -5.67
N SER F 89 15.92 -33.12 -5.98
CA SER F 89 16.47 -32.22 -4.97
C SER F 89 15.65 -30.94 -4.85
N TRP F 90 14.76 -30.71 -5.83
CA TRP F 90 13.96 -29.49 -5.84
C TRP F 90 12.47 -29.77 -5.74
N GLU F 91 12.12 -30.83 -5.01
CA GLU F 91 10.72 -31.18 -4.79
C GLU F 91 10.24 -30.72 -3.43
N PRO F 92 9.03 -30.15 -3.37
CA PRO F 92 8.17 -29.88 -4.54
C PRO F 92 8.52 -28.55 -5.21
N LEU F 93 7.62 -28.05 -6.04
CA LEU F 93 7.83 -26.80 -6.75
C LEU F 93 6.71 -25.81 -6.48
N VAL F 94 7.06 -24.54 -6.26
CA VAL F 94 6.07 -23.52 -5.94
C VAL F 94 6.21 -22.29 -6.85
N CYS F 95 5.11 -21.60 -7.07
CA CYS F 95 5.11 -20.40 -7.91
C CYS F 95 4.48 -19.21 -7.17
N HIS F 96 5.12 -18.05 -7.27
CA HIS F 96 4.63 -16.85 -6.59
C HIS F 96 4.36 -15.74 -7.60
N THR F 97 3.42 -14.85 -7.26
CA THR F 97 3.12 -13.71 -8.13
C THR F 97 2.59 -12.54 -7.30
N GLY F 98 2.29 -11.44 -7.98
CA GLY F 98 1.79 -10.25 -7.32
C GLY F 98 2.91 -9.39 -6.75
N PRO F 99 2.63 -8.68 -5.66
CA PRO F 99 1.32 -8.63 -5.00
C PRO F 99 0.36 -7.70 -5.74
N GLY F 100 0.83 -6.51 -6.07
CA GLY F 100 -0.01 -5.51 -6.71
C GLY F 100 -0.63 -4.57 -5.70
N ALA F 101 0.18 -4.11 -4.76
CA ALA F 101 -0.28 -3.23 -3.69
C ALA F 101 -1.30 -3.92 -2.79
N GLU F 102 -1.46 -5.23 -2.97
CA GLU F 102 -2.39 -6.01 -2.17
C GLU F 102 -1.80 -6.33 -0.80
N GLY F 103 -0.56 -5.92 -0.59
CA GLY F 103 0.11 -6.16 0.67
C GLY F 103 1.25 -7.15 0.54
N HIS F 104 0.91 -8.41 0.30
CA HIS F 104 1.90 -9.47 0.19
C HIS F 104 1.67 -10.31 -1.06
N SER F 105 2.66 -11.14 -1.40
CA SER F 105 2.59 -11.96 -2.60
C SER F 105 1.47 -13.00 -2.53
N ARG F 106 1.24 -13.68 -3.64
CA ARG F 106 0.23 -14.73 -3.71
C ARG F 106 0.81 -15.93 -4.44
N SER F 107 1.06 -17.01 -3.70
CA SER F 107 1.70 -18.19 -4.25
C SER F 107 0.71 -19.33 -4.53
N THR F 108 1.13 -20.27 -5.36
CA THR F 108 0.33 -21.44 -5.69
C THR F 108 0.53 -22.54 -4.66
N GLN F 109 -0.21 -23.63 -4.81
CA GLN F 109 -0.07 -24.79 -3.94
C GLN F 109 1.08 -25.67 -4.43
N PRO F 110 1.90 -26.18 -3.52
CA PRO F 110 3.07 -27.00 -3.84
C PRO F 110 2.72 -28.13 -4.81
N MET F 111 3.50 -28.26 -5.88
CA MET F 111 3.30 -29.32 -6.84
C MET F 111 4.46 -30.31 -6.82
N HIS F 112 4.13 -31.60 -6.70
CA HIS F 112 5.15 -32.64 -6.62
C HIS F 112 5.53 -33.17 -8.00
N LEU F 113 6.68 -33.83 -8.06
CA LEU F 113 7.19 -34.39 -9.31
C LEU F 113 7.56 -35.87 -9.13
N SER F 114 6.66 -36.62 -8.50
CA SER F 114 6.90 -38.04 -8.26
C SER F 114 7.21 -38.79 -9.55
C1 NAG G . 27.96 -5.73 -28.04
C2 NAG G . 28.93 -5.26 -26.94
C3 NAG G . 29.05 -3.74 -26.89
C4 NAG G . 29.27 -3.17 -28.28
C5 NAG G . 28.21 -3.69 -29.25
C6 NAG G . 28.44 -3.14 -30.64
C7 NAG G . 27.25 -5.97 -25.31
C8 NAG G . 26.54 -4.83 -24.65
N2 NAG G . 28.52 -5.76 -25.64
O3 NAG G . 30.13 -3.38 -26.06
O4 NAG G . 29.20 -1.76 -28.22
O5 NAG G . 28.23 -5.10 -29.28
O6 NAG G . 29.74 -3.51 -31.08
O7 NAG G . 26.67 -7.03 -25.52
C1 NAG H . -21.79 -8.47 82.74
C2 NAG H . -21.44 -9.67 81.86
C3 NAG H . -20.15 -10.37 82.28
C4 NAG H . -19.05 -9.35 82.55
C5 NAG H . -19.54 -8.28 83.52
C6 NAG H . -18.44 -7.25 83.78
C7 NAG H . -23.16 -11.00 82.99
C8 NAG H . -22.78 -12.32 83.58
N2 NAG H . -22.53 -10.64 81.87
O3 NAG H . -19.74 -11.26 81.28
O4 NAG H . -17.93 -10.01 83.11
O5 NAG H . -20.68 -7.62 82.99
O6 NAG H . -17.96 -6.75 82.55
O7 NAG H . -24.02 -10.31 83.53
C1 NAG I . 10.02 22.31 -49.59
C2 NAG I . 11.43 21.96 -50.04
C3 NAG I . 12.49 22.84 -49.39
C4 NAG I . 12.09 24.30 -49.45
C5 NAG I . 10.70 24.48 -48.86
C6 NAG I . 10.27 25.95 -48.91
C7 NAG I . 12.17 19.74 -50.67
C8 NAG I . 13.64 19.44 -50.65
N2 NAG I . 11.71 20.57 -49.74
O3 NAG I . 13.72 22.66 -50.05
O4 NAG I . 13.01 25.07 -48.71
O5 NAG I . 9.76 23.71 -49.57
O6 NAG I . 10.27 26.39 -50.25
O7 NAG I . 11.44 19.21 -51.51
C1 NAG J . 19.35 -29.17 -2.06
C2 NAG J . 20.76 -28.61 -1.92
C3 NAG J . 21.76 -29.38 -2.77
C4 NAG J . 21.62 -30.87 -2.51
C5 NAG J . 20.18 -31.31 -2.71
C6 NAG J . 20.01 -32.79 -2.42
C7 NAG J . 21.13 -26.26 -1.45
C8 NAG J . 22.47 -25.61 -1.69
N2 NAG J . 20.77 -27.21 -2.31
O3 NAG J . 23.07 -28.97 -2.44
O4 NAG J . 22.46 -31.57 -3.40
O5 NAG J . 19.32 -30.57 -1.87
O6 NAG J . 20.12 -33.02 -1.03
O7 NAG J . 20.44 -25.91 -0.50
#